data_6XGS
#
_entry.id   6XGS
#
_cell.length_a   86.650
_cell.length_b   86.650
_cell.length_c   142.970
_cell.angle_alpha   90.000
_cell.angle_beta   90.000
_cell.angle_gamma   120.000
#
_symmetry.space_group_name_H-M   'P 32'
#
loop_
_entity.id
_entity.type
_entity.pdbx_description
1 polymer '4-hydroxy-tetrahydrodipicolinate synthase'
2 non-polymer 'CITRIC ACID'
3 non-polymer 'PHOSPHATE ION'
4 water water
#
_entity_poly.entity_id   1
_entity_poly.type   'polypeptide(L)'
_entity_poly.pdbx_seq_one_letter_code
;MAHHHHHHMGTLEAQTQGPGSMLKGSITALVTPFDREGAFDEKAFRAFVNWQIEEGTKGLVPVGTTGETPTLSHDEHKRV
IEVCIEVAAGRVPVIAGAGSNNTVEAIELAQHAEKAGADAVLVVTPYYNKPNQRGLYEHFSRVVRSISIPLVIYNIPGRS
IIDMTPETMGALVRDCKNIVGVKDATGKIERVSEQRAICGKEFIQLSGEDATALGFNAHGGVGCISVTSNIAPRLCAEFQ
EACQAGNFAKALELQDRLMPLHKALFLEPNPSGPKYALSRLGRIENVLRSPMVTIEAATAEKIDHAMKHAGLIN
;
_entity_poly.pdbx_strand_id   A,B,C,D
#
# COMPACT_ATOMS: atom_id res chain seq x y z
N SER A 21 5.42 -36.28 8.13
CA SER A 21 4.75 -34.98 8.43
C SER A 21 3.26 -35.04 7.99
N MET A 22 2.38 -35.60 8.86
CA MET A 22 0.90 -35.41 8.83
C MET A 22 0.55 -34.16 9.67
N LEU A 23 1.03 -33.04 9.15
CA LEU A 23 0.59 -31.64 9.38
C LEU A 23 -0.53 -31.32 8.39
N LYS A 24 -1.77 -31.55 8.82
CA LYS A 24 -2.99 -31.41 7.98
C LYS A 24 -4.10 -30.83 8.85
N GLY A 25 -5.05 -30.13 8.26
CA GLY A 25 -6.33 -29.83 8.93
C GLY A 25 -6.24 -28.59 9.78
N SER A 26 -7.08 -28.51 10.79
CA SER A 26 -7.27 -27.35 11.68
C SER A 26 -6.22 -27.44 12.76
N ILE A 27 -5.25 -26.52 12.70
CA ILE A 27 -4.10 -26.47 13.65
C ILE A 27 -4.23 -25.17 14.43
N THR A 28 -4.46 -25.21 15.74
CA THR A 28 -4.79 -24.00 16.52
C THR A 28 -3.52 -23.24 16.86
N ALA A 29 -3.50 -21.96 16.51
CA ALA A 29 -2.53 -20.93 16.97
C ALA A 29 -2.96 -20.50 18.37
N LEU A 30 -2.47 -21.21 19.39
CA LEU A 30 -2.99 -21.15 20.76
C LEU A 30 -2.75 -19.78 21.37
N VAL A 31 -3.79 -19.19 21.98
CA VAL A 31 -3.63 -18.07 22.92
C VAL A 31 -2.85 -18.59 24.11
N THR A 32 -2.12 -17.69 24.77
CA THR A 32 -1.50 -17.92 26.11
C THR A 32 -2.37 -17.20 27.14
N PRO A 33 -3.15 -17.93 27.94
CA PRO A 33 -3.92 -17.33 29.02
C PRO A 33 -3.04 -16.74 30.13
N PHE A 34 -3.44 -15.57 30.59
CA PHE A 34 -2.91 -14.89 31.79
C PHE A 34 -4.03 -14.80 32.83
N ASP A 35 -3.65 -14.83 34.11
CA ASP A 35 -4.58 -14.66 35.26
C ASP A 35 -4.82 -13.16 35.48
N ARG A 36 -5.61 -12.81 36.49
CA ARG A 36 -6.07 -11.43 36.77
C ARG A 36 -4.84 -10.60 37.17
N GLU A 37 -3.68 -11.20 37.46
CA GLU A 37 -2.41 -10.49 37.77
C GLU A 37 -1.43 -10.50 36.59
N GLY A 38 -1.76 -11.05 35.43
CA GLY A 38 -0.87 -11.01 34.24
C GLY A 38 0.04 -12.22 34.12
N ALA A 39 0.02 -13.13 35.09
CA ALA A 39 0.91 -14.30 35.11
C ALA A 39 0.35 -15.38 34.17
N PHE A 40 1.20 -16.25 33.66
CA PHE A 40 0.78 -17.46 32.88
C PHE A 40 -0.25 -18.27 33.67
N ASP A 41 -1.46 -18.44 33.12
CA ASP A 41 -2.54 -19.24 33.76
C ASP A 41 -2.42 -20.68 33.31
N GLU A 42 -1.49 -21.42 33.91
CA GLU A 42 -1.15 -22.80 33.50
C GLU A 42 -2.41 -23.68 33.65
N LYS A 43 -3.22 -23.45 34.68
CA LYS A 43 -4.43 -24.29 34.92
C LYS A 43 -5.40 -24.13 33.74
N ALA A 44 -5.71 -22.90 33.34
CA ALA A 44 -6.64 -22.66 32.21
C ALA A 44 -6.04 -23.24 30.93
N PHE A 45 -4.73 -23.15 30.77
CA PHE A 45 -4.04 -23.52 29.52
C PHE A 45 -4.10 -25.04 29.34
N ARG A 46 -3.85 -25.79 30.41
CA ARG A 46 -3.93 -27.28 30.42
C ARG A 46 -5.34 -27.71 30.00
N ALA A 47 -6.39 -27.13 30.58
CA ALA A 47 -7.80 -27.48 30.32
C ALA A 47 -8.13 -27.10 28.87
N PHE A 48 -7.58 -25.99 28.40
CA PHE A 48 -7.86 -25.43 27.06
C PHE A 48 -7.25 -26.37 26.01
N VAL A 49 -5.99 -26.73 26.20
CA VAL A 49 -5.29 -27.56 25.20
C VAL A 49 -6.01 -28.90 25.11
N ASN A 50 -6.49 -29.41 26.26
CA ASN A 50 -7.18 -30.72 26.31
C ASN A 50 -8.52 -30.59 25.57
N TRP A 51 -9.26 -29.53 25.86
CA TRP A 51 -10.55 -29.23 25.20
C TRP A 51 -10.36 -29.20 23.69
N GLN A 52 -9.33 -28.49 23.23
CA GLN A 52 -8.99 -28.34 21.80
C GLN A 52 -8.90 -29.72 21.15
N ILE A 53 -8.13 -30.62 21.76
CA ILE A 53 -7.88 -31.98 21.20
C ILE A 53 -9.19 -32.77 21.19
N GLU A 54 -9.96 -32.73 22.29
CA GLU A 54 -11.27 -33.42 22.43
C GLU A 54 -12.20 -32.92 21.32
N GLU A 55 -12.11 -31.66 20.93
CA GLU A 55 -13.05 -31.05 19.96
C GLU A 55 -12.59 -31.31 18.52
N GLY A 56 -11.39 -31.88 18.31
CA GLY A 56 -10.96 -32.42 17.00
C GLY A 56 -9.88 -31.60 16.33
N THR A 57 -9.25 -30.67 17.05
CA THR A 57 -8.07 -29.92 16.59
C THR A 57 -6.97 -30.92 16.21
N LYS A 58 -6.33 -30.74 15.04
CA LYS A 58 -5.39 -31.74 14.46
C LYS A 58 -3.95 -31.43 14.83
N GLY A 59 -3.70 -30.25 15.39
CA GLY A 59 -2.32 -29.83 15.72
C GLY A 59 -2.33 -28.58 16.54
N LEU A 60 -1.24 -28.27 17.23
CA LEU A 60 -1.15 -27.11 18.13
C LEU A 60 0.13 -26.32 17.86
N VAL A 61 0.01 -24.98 17.81
CA VAL A 61 1.15 -24.04 17.76
C VAL A 61 1.11 -23.21 19.03
N PRO A 62 1.97 -23.58 20.01
CA PRO A 62 2.21 -22.74 21.18
C PRO A 62 3.18 -21.61 20.80
N VAL A 63 3.06 -20.51 21.54
CA VAL A 63 3.94 -19.30 21.51
C VAL A 63 4.15 -18.85 20.07
N GLY A 64 3.06 -18.74 19.29
CA GLY A 64 3.05 -18.05 17.98
C GLY A 64 2.55 -16.62 18.12
N THR A 65 2.10 -15.99 17.02
CA THR A 65 1.63 -14.59 17.00
C THR A 65 0.45 -14.43 17.99
N THR A 66 -0.44 -15.41 18.02
CA THR A 66 -1.71 -15.35 18.76
C THR A 66 -1.43 -15.68 20.24
N GLY A 67 -0.24 -16.23 20.54
CA GLY A 67 0.19 -16.60 21.90
C GLY A 67 0.92 -15.50 22.65
N GLU A 68 1.04 -14.32 22.06
CA GLU A 68 1.70 -13.13 22.65
C GLU A 68 3.13 -13.50 23.02
N THR A 69 3.83 -14.27 22.18
CA THR A 69 5.30 -14.54 22.36
C THR A 69 6.07 -13.26 22.66
N PRO A 70 5.82 -12.10 22.02
CA PRO A 70 6.64 -10.90 22.29
C PRO A 70 6.72 -10.52 23.78
N THR A 71 5.65 -10.79 24.56
CA THR A 71 5.50 -10.31 25.95
C THR A 71 5.81 -11.45 26.93
N LEU A 72 6.14 -12.65 26.44
CA LEU A 72 6.57 -13.76 27.31
C LEU A 72 8.05 -13.62 27.63
N SER A 73 8.45 -13.80 28.89
CA SER A 73 9.88 -13.95 29.28
C SER A 73 10.43 -15.23 28.62
N HIS A 74 11.77 -15.39 28.57
CA HIS A 74 12.45 -16.62 28.09
C HIS A 74 11.90 -17.84 28.83
N ASP A 75 11.67 -17.76 30.16
CA ASP A 75 11.22 -18.91 30.99
C ASP A 75 9.75 -19.23 30.65
N GLU A 76 8.92 -18.22 30.44
CA GLU A 76 7.50 -18.42 30.10
C GLU A 76 7.42 -19.06 28.72
N HIS A 77 8.26 -18.60 27.79
CA HIS A 77 8.33 -19.15 26.42
C HIS A 77 8.55 -20.67 26.51
N LYS A 78 9.56 -21.10 27.28
CA LYS A 78 9.94 -22.52 27.45
C LYS A 78 8.77 -23.29 28.08
N ARG A 79 8.13 -22.69 29.09
CA ARG A 79 7.10 -23.33 29.93
C ARG A 79 5.84 -23.58 29.09
N VAL A 80 5.42 -22.62 28.27
CA VAL A 80 4.17 -22.80 27.49
C VAL A 80 4.37 -23.95 26.51
N ILE A 81 5.54 -24.05 25.87
CA ILE A 81 5.89 -25.18 24.98
C ILE A 81 5.85 -26.48 25.80
N GLU A 82 6.50 -26.53 26.96
CA GLU A 82 6.61 -27.80 27.74
C GLU A 82 5.21 -28.27 28.12
N VAL A 83 4.38 -27.36 28.65
CA VAL A 83 3.00 -27.71 29.11
C VAL A 83 2.24 -28.17 27.86
N CYS A 84 2.36 -27.46 26.74
CA CYS A 84 1.64 -27.83 25.50
C CYS A 84 1.98 -29.28 25.11
N ILE A 85 3.27 -29.63 25.13
CA ILE A 85 3.77 -30.99 24.75
C ILE A 85 3.25 -32.02 25.75
N GLU A 86 3.31 -31.70 27.03
CA GLU A 86 2.90 -32.62 28.13
C GLU A 86 1.42 -32.95 28.01
N VAL A 87 0.56 -31.95 27.78
CA VAL A 87 -0.91 -32.17 27.72
C VAL A 87 -1.26 -32.92 26.43
N ALA A 88 -0.61 -32.56 25.33
CA ALA A 88 -0.82 -33.19 24.01
C ALA A 88 -0.63 -34.70 24.16
N ALA A 89 0.46 -35.13 24.82
CA ALA A 89 0.73 -36.55 25.14
C ALA A 89 0.76 -37.35 23.83
N GLY A 90 1.41 -36.83 22.79
CA GLY A 90 1.60 -37.52 21.49
C GLY A 90 0.31 -37.56 20.68
N ARG A 91 -0.81 -37.04 21.18
CA ARG A 91 -2.15 -37.25 20.54
C ARG A 91 -2.21 -36.43 19.26
N VAL A 92 -1.68 -35.23 19.29
CA VAL A 92 -1.63 -34.36 18.07
C VAL A 92 -0.25 -33.74 18.01
N PRO A 93 0.24 -33.44 16.79
CA PRO A 93 1.56 -32.81 16.67
C PRO A 93 1.57 -31.39 17.27
N VAL A 94 2.70 -31.05 17.87
CA VAL A 94 2.99 -29.71 18.44
C VAL A 94 4.03 -29.04 17.54
N ILE A 95 3.64 -27.94 16.91
CA ILE A 95 4.56 -27.16 16.06
C ILE A 95 4.91 -25.92 16.89
N ALA A 96 6.05 -25.93 17.55
CA ALA A 96 6.42 -24.82 18.46
C ALA A 96 6.79 -23.59 17.62
N GLY A 97 6.24 -22.44 17.97
CA GLY A 97 6.72 -21.13 17.49
C GLY A 97 8.16 -20.98 17.91
N ALA A 98 9.07 -20.64 16.98
CA ALA A 98 10.52 -20.46 17.23
C ALA A 98 11.05 -19.31 16.39
N GLY A 99 10.31 -18.21 16.35
CA GLY A 99 10.60 -17.07 15.45
C GLY A 99 11.49 -16.03 16.09
N SER A 100 12.42 -15.47 15.32
CA SER A 100 13.22 -14.28 15.73
C SER A 100 13.69 -13.52 14.48
N ASN A 101 13.95 -12.24 14.63
CA ASN A 101 14.60 -11.40 13.58
C ASN A 101 16.12 -11.49 13.72
N ASN A 102 16.60 -12.33 14.65
CA ASN A 102 18.03 -12.66 14.88
C ASN A 102 18.24 -14.14 14.56
N THR A 103 19.06 -14.46 13.55
CA THR A 103 19.28 -15.87 13.10
C THR A 103 19.78 -16.75 14.26
N VAL A 104 20.79 -16.27 14.99
CA VAL A 104 21.38 -16.99 16.15
C VAL A 104 20.28 -17.23 17.19
N GLU A 105 19.39 -16.26 17.43
CA GLU A 105 18.31 -16.43 18.43
C GLU A 105 17.34 -17.50 17.93
N ALA A 106 17.00 -17.51 16.64
CA ALA A 106 16.02 -18.47 16.06
C ALA A 106 16.60 -19.89 16.12
N ILE A 107 17.89 -20.05 15.88
CA ILE A 107 18.64 -21.34 16.07
C ILE A 107 18.40 -21.83 17.51
N GLU A 108 18.76 -21.02 18.50
CA GLU A 108 18.64 -21.37 19.93
C GLU A 108 17.18 -21.76 20.22
N LEU A 109 16.20 -20.99 19.74
CA LEU A 109 14.76 -21.27 20.02
C LEU A 109 14.35 -22.61 19.38
N ALA A 110 14.79 -22.87 18.16
CA ALA A 110 14.39 -24.08 17.41
C ALA A 110 15.04 -25.31 18.07
N GLN A 111 16.31 -25.21 18.50
CA GLN A 111 17.01 -26.35 19.14
C GLN A 111 16.34 -26.65 20.47
N HIS A 112 15.99 -25.61 21.23
CA HIS A 112 15.32 -25.78 22.55
CA HIS A 112 15.33 -25.77 22.55
C HIS A 112 13.95 -26.41 22.33
N ALA A 113 13.21 -26.00 21.28
CA ALA A 113 11.87 -26.56 20.96
C ALA A 113 12.00 -28.07 20.68
N GLU A 114 13.01 -28.47 19.89
CA GLU A 114 13.32 -29.89 19.57
C GLU A 114 13.68 -30.65 20.85
N LYS A 115 14.60 -30.15 21.68
CA LYS A 115 15.02 -30.76 22.96
C LYS A 115 13.78 -30.98 23.85
N ALA A 116 12.81 -30.07 23.83
CA ALA A 116 11.57 -30.13 24.66
C ALA A 116 10.59 -31.16 24.09
N GLY A 117 10.80 -31.62 22.85
CA GLY A 117 10.04 -32.71 22.22
C GLY A 117 9.01 -32.24 21.21
N ALA A 118 9.19 -31.05 20.64
CA ALA A 118 8.30 -30.51 19.60
C ALA A 118 8.39 -31.42 18.35
N ASP A 119 7.31 -31.53 17.59
CA ASP A 119 7.18 -32.38 16.39
C ASP A 119 7.75 -31.64 15.18
N ALA A 120 7.72 -30.30 15.25
CA ALA A 120 8.20 -29.38 14.19
C ALA A 120 8.25 -27.97 14.77
N VAL A 121 8.84 -27.05 14.02
CA VAL A 121 8.95 -25.63 14.45
C VAL A 121 8.36 -24.76 13.35
N LEU A 122 7.75 -23.66 13.78
CA LEU A 122 7.21 -22.60 12.92
C LEU A 122 8.14 -21.41 13.05
N VAL A 123 8.73 -20.96 11.94
CA VAL A 123 9.78 -19.91 11.99
C VAL A 123 9.38 -18.78 11.05
N VAL A 124 9.04 -17.63 11.64
CA VAL A 124 8.60 -16.41 10.93
C VAL A 124 9.79 -15.79 10.17
N THR A 125 9.49 -15.14 9.06
CA THR A 125 10.40 -14.22 8.38
C THR A 125 10.81 -13.15 9.38
N PRO A 126 12.11 -12.82 9.50
CA PRO A 126 12.53 -11.71 10.36
C PRO A 126 11.67 -10.45 10.15
N TYR A 127 11.14 -9.92 11.26
CA TYR A 127 10.34 -8.67 11.35
C TYR A 127 11.27 -7.52 11.74
N TYR A 128 10.81 -6.31 11.47
CA TYR A 128 11.46 -5.02 11.83
C TYR A 128 12.68 -4.75 10.93
N ASN A 129 13.67 -5.66 10.85
CA ASN A 129 14.99 -5.31 10.25
C ASN A 129 14.98 -5.42 8.71
N LYS A 130 13.95 -6.01 8.11
CA LYS A 130 13.66 -6.05 6.66
C LYS A 130 14.86 -6.51 5.84
N PRO A 131 15.28 -7.77 6.00
CA PRO A 131 16.28 -8.36 5.11
C PRO A 131 15.79 -8.55 3.67
N ASN A 132 16.73 -8.64 2.73
CA ASN A 132 16.48 -9.00 1.30
C ASN A 132 16.37 -10.54 1.19
N GLN A 133 16.23 -11.05 -0.02
CA GLN A 133 15.93 -12.48 -0.29
C GLN A 133 17.17 -13.30 0.08
N ARG A 134 18.42 -12.82 -0.16
CA ARG A 134 19.66 -13.50 0.29
C ARG A 134 19.58 -13.69 1.80
N GLY A 135 19.22 -12.64 2.54
CA GLY A 135 19.14 -12.67 4.01
C GLY A 135 18.12 -13.70 4.49
N LEU A 136 16.98 -13.76 3.84
CA LEU A 136 15.94 -14.77 4.15
C LEU A 136 16.51 -16.16 3.88
N TYR A 137 17.15 -16.34 2.73
CA TYR A 137 17.74 -17.65 2.38
C TYR A 137 18.72 -18.09 3.47
N GLU A 138 19.63 -17.18 3.85
CA GLU A 138 20.66 -17.47 4.88
C GLU A 138 19.99 -17.76 6.22
N HIS A 139 19.03 -16.93 6.61
CA HIS A 139 18.31 -17.09 7.90
C HIS A 139 17.73 -18.49 7.98
N PHE A 140 16.93 -18.89 6.99
CA PHE A 140 16.17 -20.17 7.03
C PHE A 140 17.09 -21.38 6.86
N SER A 141 18.12 -21.31 6.01
CA SER A 141 19.06 -22.42 5.78
C SER A 141 19.86 -22.66 7.08
N ARG A 142 20.39 -21.63 7.72
CA ARG A 142 21.08 -21.80 9.04
C ARG A 142 20.11 -22.32 10.13
N VAL A 143 18.87 -21.87 10.21
CA VAL A 143 17.97 -22.34 11.30
C VAL A 143 17.65 -23.84 11.09
N VAL A 144 17.29 -24.23 9.87
CA VAL A 144 16.87 -25.63 9.58
C VAL A 144 18.08 -26.58 9.74
N ARG A 145 19.29 -26.14 9.40
CA ARG A 145 20.52 -26.97 9.50
C ARG A 145 20.93 -27.16 10.97
N SER A 146 20.42 -26.31 11.88
CA SER A 146 20.73 -26.38 13.33
C SER A 146 19.94 -27.50 14.01
N ILE A 147 18.98 -28.09 13.32
CA ILE A 147 17.97 -29.01 13.93
C ILE A 147 17.78 -30.21 13.00
N SER A 148 17.00 -31.15 13.50
CA SER A 148 16.72 -32.43 12.83
C SER A 148 15.22 -32.67 12.82
N ILE A 149 14.37 -31.71 13.23
CA ILE A 149 12.89 -31.85 13.08
C ILE A 149 12.43 -30.93 11.96
N PRO A 150 11.23 -31.16 11.39
CA PRO A 150 10.77 -30.35 10.26
C PRO A 150 10.58 -28.88 10.65
N LEU A 151 10.78 -28.02 9.65
CA LEU A 151 10.59 -26.56 9.79
C LEU A 151 9.50 -26.13 8.79
N VAL A 152 8.57 -25.30 9.27
CA VAL A 152 7.54 -24.62 8.46
C VAL A 152 7.89 -23.12 8.44
N ILE A 153 8.10 -22.59 7.25
CA ILE A 153 8.28 -21.15 6.96
C ILE A 153 6.95 -20.45 7.24
N TYR A 154 7.00 -19.32 7.91
CA TYR A 154 5.82 -18.51 8.25
C TYR A 154 6.02 -17.19 7.53
N ASN A 155 5.31 -17.03 6.40
CA ASN A 155 5.45 -15.85 5.50
C ASN A 155 4.29 -14.91 5.81
N ILE A 156 4.57 -13.78 6.46
CA ILE A 156 3.53 -12.83 6.93
C ILE A 156 4.01 -11.41 6.69
N PRO A 157 3.89 -10.89 5.45
CA PRO A 157 4.24 -9.50 5.13
C PRO A 157 3.50 -8.50 6.01
N GLY A 158 2.28 -8.83 6.45
CA GLY A 158 1.44 -7.90 7.26
C GLY A 158 2.00 -7.70 8.67
N ARG A 159 3.02 -8.48 9.08
CA ARG A 159 3.74 -8.25 10.37
C ARG A 159 5.24 -8.02 10.16
N SER A 160 5.89 -8.65 9.16
CA SER A 160 7.36 -8.52 8.92
C SER A 160 7.70 -7.58 7.77
N ILE A 161 6.69 -7.15 7.00
CA ILE A 161 6.75 -6.19 5.85
C ILE A 161 7.38 -6.83 4.62
N ILE A 162 8.51 -7.53 4.78
CA ILE A 162 9.19 -8.22 3.66
C ILE A 162 8.43 -9.52 3.40
N ASP A 163 8.71 -10.14 2.26
CA ASP A 163 7.88 -11.21 1.68
C ASP A 163 8.84 -12.19 1.00
N MET A 164 8.85 -13.44 1.50
CA MET A 164 9.62 -14.50 0.83
C MET A 164 8.89 -14.85 -0.47
N THR A 165 9.57 -14.65 -1.58
CA THR A 165 9.01 -14.95 -2.92
C THR A 165 8.90 -16.46 -3.07
N PRO A 166 8.03 -16.94 -3.97
CA PRO A 166 7.98 -18.36 -4.24
C PRO A 166 9.37 -18.86 -4.71
N GLU A 167 10.14 -18.03 -5.41
CA GLU A 167 11.47 -18.41 -5.95
C GLU A 167 12.41 -18.66 -4.78
N THR A 168 12.47 -17.75 -3.81
CA THR A 168 13.33 -17.93 -2.62
C THR A 168 12.87 -19.19 -1.87
N MET A 169 11.55 -19.36 -1.72
CA MET A 169 10.98 -20.53 -1.01
C MET A 169 11.39 -21.82 -1.73
N GLY A 170 11.32 -21.83 -3.07
CA GLY A 170 11.79 -22.97 -3.89
C GLY A 170 13.27 -23.29 -3.74
N ALA A 171 14.14 -22.28 -3.72
CA ALA A 171 15.60 -22.43 -3.44
C ALA A 171 15.80 -23.13 -2.10
N LEU A 172 15.03 -22.76 -1.06
CA LEU A 172 15.19 -23.31 0.30
C LEU A 172 14.70 -24.77 0.33
N VAL A 173 13.61 -25.10 -0.36
CA VAL A 173 13.07 -26.50 -0.36
C VAL A 173 14.07 -27.35 -1.16
N ARG A 174 14.57 -26.85 -2.28
CA ARG A 174 15.55 -27.56 -3.14
C ARG A 174 16.78 -27.90 -2.28
N ASP A 175 17.26 -26.96 -1.47
CA ASP A 175 18.59 -27.06 -0.79
C ASP A 175 18.45 -27.64 0.62
N CYS A 176 17.29 -27.58 1.26
CA CYS A 176 17.17 -27.97 2.69
C CYS A 176 16.07 -29.00 2.87
N LYS A 177 16.48 -30.21 3.27
CA LYS A 177 15.60 -31.40 3.37
C LYS A 177 14.41 -31.12 4.29
N ASN A 178 14.68 -30.57 5.47
CA ASN A 178 13.72 -30.49 6.60
C ASN A 178 12.80 -29.27 6.44
N ILE A 179 12.91 -28.51 5.33
CA ILE A 179 11.91 -27.43 5.10
C ILE A 179 10.71 -28.03 4.39
N VAL A 180 9.63 -28.25 5.10
CA VAL A 180 8.55 -29.19 4.65
C VAL A 180 7.29 -28.41 4.27
N GLY A 181 7.17 -27.13 4.64
CA GLY A 181 5.91 -26.44 4.30
C GLY A 181 5.94 -24.99 4.69
N VAL A 182 4.78 -24.35 4.56
CA VAL A 182 4.63 -22.88 4.80
C VAL A 182 3.32 -22.64 5.54
N LYS A 183 3.38 -21.76 6.53
CA LYS A 183 2.21 -21.02 7.01
C LYS A 183 2.13 -19.75 6.17
N ASP A 184 1.22 -19.72 5.20
CA ASP A 184 1.16 -18.65 4.20
C ASP A 184 0.10 -17.63 4.61
N ALA A 185 0.52 -16.49 5.19
CA ALA A 185 -0.34 -15.42 5.68
C ALA A 185 -0.27 -14.22 4.75
N THR A 186 0.04 -14.40 3.47
CA THR A 186 0.08 -13.31 2.46
C THR A 186 -1.35 -12.88 2.13
N GLY A 187 -2.35 -13.77 2.25
CA GLY A 187 -3.71 -13.46 1.81
C GLY A 187 -3.79 -13.33 0.30
N LYS A 188 -2.77 -13.79 -0.42
CA LYS A 188 -2.72 -13.75 -1.89
C LYS A 188 -2.73 -15.19 -2.38
N ILE A 189 -3.93 -15.67 -2.77
CA ILE A 189 -4.21 -17.12 -2.92
C ILE A 189 -3.44 -17.68 -4.12
N GLU A 190 -3.10 -16.84 -5.11
CA GLU A 190 -2.26 -17.23 -6.27
C GLU A 190 -0.90 -17.74 -5.78
N ARG A 191 -0.45 -17.30 -4.58
CA ARG A 191 0.80 -17.83 -3.99
C ARG A 191 0.71 -19.34 -3.80
N VAL A 192 -0.44 -19.87 -3.44
CA VAL A 192 -0.59 -21.32 -3.19
C VAL A 192 -0.24 -22.06 -4.49
N SER A 193 -0.73 -21.58 -5.63
CA SER A 193 -0.48 -22.16 -6.98
C SER A 193 1.00 -22.06 -7.35
N GLU A 194 1.61 -20.92 -7.05
CA GLU A 194 3.01 -20.61 -7.42
C GLU A 194 3.93 -21.46 -6.56
N GLN A 195 3.60 -21.56 -5.25
CA GLN A 195 4.41 -22.36 -4.28
C GLN A 195 4.31 -23.84 -4.64
N ARG A 196 3.14 -24.28 -5.11
CA ARG A 196 2.88 -25.69 -5.49
C ARG A 196 3.72 -26.01 -6.74
N ALA A 197 3.76 -25.10 -7.72
CA ALA A 197 4.53 -25.27 -8.96
C ALA A 197 6.02 -25.37 -8.65
N ILE A 198 6.51 -24.50 -7.77
CA ILE A 198 7.97 -24.32 -7.56
C ILE A 198 8.46 -25.25 -6.44
N CYS A 199 7.68 -25.44 -5.38
CA CYS A 199 8.07 -26.23 -4.19
C CYS A 199 7.56 -27.65 -4.31
N GLY A 200 6.60 -27.88 -5.24
CA GLY A 200 6.03 -29.20 -5.48
C GLY A 200 4.74 -29.43 -4.72
N LYS A 201 4.08 -30.50 -5.12
CA LYS A 201 2.76 -30.92 -4.62
C LYS A 201 2.84 -31.44 -3.21
N GLU A 202 3.99 -31.99 -2.78
CA GLU A 202 4.08 -32.62 -1.43
C GLU A 202 4.41 -31.52 -0.40
N PHE A 203 4.83 -30.33 -0.86
CA PHE A 203 5.10 -29.17 0.03
C PHE A 203 3.83 -28.82 0.79
N ILE A 204 3.91 -28.80 2.11
CA ILE A 204 2.72 -28.65 3.00
C ILE A 204 2.35 -27.17 3.10
N GLN A 205 1.23 -26.77 2.50
CA GLN A 205 0.77 -25.36 2.55
C GLN A 205 -0.41 -25.26 3.50
N LEU A 206 -0.26 -24.44 4.53
CA LEU A 206 -1.25 -24.21 5.60
C LEU A 206 -1.66 -22.73 5.54
N SER A 207 -2.95 -22.47 5.46
CA SER A 207 -3.46 -21.08 5.43
C SER A 207 -2.97 -20.38 6.70
N GLY A 208 -2.43 -19.17 6.55
CA GLY A 208 -2.16 -18.25 7.65
C GLY A 208 -3.31 -17.29 7.91
N GLU A 209 -4.44 -17.41 7.18
CA GLU A 209 -5.62 -16.53 7.36
C GLU A 209 -6.89 -17.39 7.46
N ASP A 210 -7.70 -17.19 8.48
CA ASP A 210 -8.99 -17.93 8.69
C ASP A 210 -9.98 -17.64 7.56
N ALA A 211 -10.13 -16.39 7.18
CA ALA A 211 -11.20 -15.93 6.27
C ALA A 211 -11.02 -16.52 4.86
N THR A 212 -9.78 -16.82 4.45
CA THR A 212 -9.52 -17.35 3.08
C THR A 212 -8.95 -18.76 3.12
N ALA A 213 -9.06 -19.45 4.27
CA ALA A 213 -8.72 -20.89 4.41
C ALA A 213 -9.36 -21.72 3.30
N LEU A 214 -10.59 -21.40 2.92
CA LEU A 214 -11.43 -22.21 2.00
C LEU A 214 -10.80 -22.21 0.61
N GLY A 215 -10.58 -21.02 0.05
CA GLY A 215 -9.97 -20.86 -1.27
C GLY A 215 -8.53 -21.33 -1.24
N PHE A 216 -7.82 -21.04 -0.14
CA PHE A 216 -6.45 -21.55 0.10
C PHE A 216 -6.41 -23.06 -0.14
N ASN A 217 -7.35 -23.80 0.46
CA ASN A 217 -7.40 -25.29 0.30
C ASN A 217 -7.72 -25.66 -1.16
N ALA A 218 -8.63 -24.95 -1.82
CA ALA A 218 -8.99 -25.21 -3.23
C ALA A 218 -7.75 -25.12 -4.11
N HIS A 219 -6.80 -24.23 -3.82
CA HIS A 219 -5.56 -24.06 -4.63
C HIS A 219 -4.49 -25.10 -4.28
N GLY A 220 -4.72 -25.93 -3.25
CA GLY A 220 -3.78 -27.01 -2.86
C GLY A 220 -3.31 -26.93 -1.40
N GLY A 221 -3.90 -26.07 -0.56
CA GLY A 221 -3.70 -26.13 0.89
C GLY A 221 -4.21 -27.42 1.48
N VAL A 222 -3.63 -27.86 2.58
CA VAL A 222 -4.05 -29.10 3.31
C VAL A 222 -4.38 -28.74 4.77
N GLY A 223 -4.62 -27.47 5.05
CA GLY A 223 -5.05 -27.04 6.40
C GLY A 223 -4.82 -25.57 6.65
N CYS A 224 -4.96 -25.17 7.91
CA CYS A 224 -4.93 -23.76 8.38
C CYS A 224 -4.35 -23.75 9.79
N ILE A 225 -3.34 -22.91 10.02
CA ILE A 225 -2.87 -22.53 11.38
C ILE A 225 -3.74 -21.32 11.76
N SER A 226 -4.71 -21.60 12.61
CA SER A 226 -6.01 -20.91 12.73
C SER A 226 -6.06 -20.10 14.04
N VAL A 227 -6.67 -18.93 13.99
CA VAL A 227 -7.05 -18.17 15.21
C VAL A 227 -8.46 -18.59 15.62
N THR A 228 -9.37 -18.66 14.66
CA THR A 228 -10.81 -18.93 14.94
C THR A 228 -10.93 -20.26 15.69
N SER A 229 -10.04 -21.24 15.46
CA SER A 229 -10.17 -22.59 16.02
C SER A 229 -9.90 -22.55 17.52
N ASN A 230 -9.34 -21.44 18.01
CA ASN A 230 -9.27 -21.17 19.48
C ASN A 230 -10.69 -21.18 20.05
N ILE A 231 -11.66 -20.68 19.27
CA ILE A 231 -13.03 -20.32 19.77
C ILE A 231 -13.99 -21.41 19.34
N ALA A 232 -13.89 -21.89 18.10
CA ALA A 232 -14.79 -22.93 17.52
C ALA A 232 -13.95 -24.08 16.99
N PRO A 233 -13.21 -24.79 17.87
CA PRO A 233 -12.32 -25.85 17.39
C PRO A 233 -13.08 -26.92 16.59
N ARG A 234 -14.28 -27.29 17.03
CA ARG A 234 -15.03 -28.42 16.43
C ARG A 234 -15.48 -28.01 15.02
N LEU A 235 -16.12 -26.85 14.86
CA LEU A 235 -16.63 -26.41 13.55
C LEU A 235 -15.44 -26.19 12.60
N CYS A 236 -14.32 -25.65 13.11
CA CYS A 236 -13.09 -25.42 12.31
C CYS A 236 -12.49 -26.76 11.89
N ALA A 237 -12.51 -27.77 12.78
CA ALA A 237 -12.02 -29.13 12.48
C ALA A 237 -12.86 -29.73 11.35
N GLU A 238 -14.19 -29.62 11.43
CA GLU A 238 -15.15 -30.13 10.43
C GLU A 238 -14.96 -29.45 9.07
N PHE A 239 -14.82 -28.12 9.10
CA PHE A 239 -14.57 -27.28 7.91
C PHE A 239 -13.33 -27.81 7.18
N GLN A 240 -12.23 -28.02 7.92
CA GLN A 240 -10.95 -28.48 7.36
C GLN A 240 -11.12 -29.90 6.84
N GLU A 241 -11.80 -30.78 7.60
CA GLU A 241 -12.05 -32.19 7.22
C GLU A 241 -12.82 -32.22 5.91
N ALA A 242 -13.89 -31.44 5.81
CA ALA A 242 -14.70 -31.25 4.58
C ALA A 242 -13.80 -30.86 3.40
N CYS A 243 -12.88 -29.90 3.56
CA CYS A 243 -11.96 -29.48 2.47
C CYS A 243 -11.05 -30.65 2.09
N GLN A 244 -10.46 -31.32 3.09
CA GLN A 244 -9.46 -32.41 2.80
C GLN A 244 -10.19 -33.60 2.18
N ALA A 245 -11.48 -33.78 2.46
CA ALA A 245 -12.29 -34.87 1.88
C ALA A 245 -12.76 -34.49 0.47
N GLY A 246 -12.67 -33.21 0.09
CA GLY A 246 -13.11 -32.73 -1.23
C GLY A 246 -14.56 -32.33 -1.22
N ASN A 247 -15.18 -32.20 -0.05
CA ASN A 247 -16.60 -31.81 0.10
C ASN A 247 -16.60 -30.28 0.28
N PHE A 248 -16.38 -29.55 -0.81
CA PHE A 248 -16.32 -28.06 -0.81
C PHE A 248 -17.72 -27.47 -0.60
N ALA A 249 -18.80 -28.11 -1.00
CA ALA A 249 -20.19 -27.66 -0.76
C ALA A 249 -20.46 -27.63 0.77
N LYS A 250 -20.06 -28.67 1.50
CA LYS A 250 -20.12 -28.70 2.98
C LYS A 250 -19.19 -27.61 3.57
N ALA A 251 -17.96 -27.51 3.09
CA ALA A 251 -17.01 -26.48 3.55
C ALA A 251 -17.62 -25.08 3.41
N LEU A 252 -18.29 -24.79 2.27
CA LEU A 252 -18.91 -23.47 1.99
C LEU A 252 -20.07 -23.22 2.95
N GLU A 253 -20.89 -24.24 3.27
CA GLU A 253 -21.97 -24.15 4.29
C GLU A 253 -21.33 -23.74 5.63
N LEU A 254 -20.17 -24.31 5.97
CA LEU A 254 -19.48 -24.07 7.25
C LEU A 254 -18.84 -22.68 7.23
N GLN A 255 -18.28 -22.25 6.08
CA GLN A 255 -17.86 -20.84 5.85
C GLN A 255 -19.04 -19.88 6.15
N ASP A 256 -20.28 -20.17 5.71
CA ASP A 256 -21.43 -19.24 5.93
C ASP A 256 -21.67 -19.08 7.43
N ARG A 257 -21.43 -20.13 8.21
CA ARG A 257 -21.63 -20.19 9.68
C ARG A 257 -20.47 -19.46 10.38
N LEU A 258 -19.24 -19.54 9.87
CA LEU A 258 -18.04 -19.11 10.64
C LEU A 258 -17.60 -17.69 10.24
N MET A 259 -17.96 -17.22 9.04
CA MET A 259 -17.37 -16.00 8.47
C MET A 259 -17.66 -14.79 9.36
N PRO A 260 -18.87 -14.61 9.94
CA PRO A 260 -19.06 -13.44 10.81
C PRO A 260 -18.10 -13.47 12.00
N LEU A 261 -17.77 -14.66 12.53
CA LEU A 261 -16.79 -14.81 13.64
C LEU A 261 -15.38 -14.61 13.08
N HIS A 262 -15.03 -15.14 11.91
CA HIS A 262 -13.72 -14.82 11.27
C HIS A 262 -13.55 -13.30 11.22
N LYS A 263 -14.60 -12.55 10.91
CA LYS A 263 -14.51 -11.08 10.77
C LYS A 263 -14.48 -10.44 12.18
N ALA A 264 -15.49 -10.69 13.04
CA ALA A 264 -15.58 -10.03 14.37
C ALA A 264 -14.32 -10.28 15.19
N LEU A 265 -13.66 -11.42 15.06
CA LEU A 265 -12.45 -11.73 15.88
C LEU A 265 -11.28 -10.78 15.55
N PHE A 266 -11.31 -10.15 14.38
CA PHE A 266 -10.19 -9.30 13.92
C PHE A 266 -10.60 -7.84 13.75
N LEU A 267 -11.73 -7.40 14.25
CA LEU A 267 -12.09 -5.94 14.29
C LEU A 267 -11.02 -5.18 15.08
N GLU A 268 -10.47 -5.81 16.12
CA GLU A 268 -9.41 -5.21 16.97
C GLU A 268 -8.24 -6.15 16.88
N PRO A 269 -7.04 -5.68 17.28
CA PRO A 269 -5.80 -6.39 17.01
C PRO A 269 -5.72 -7.74 17.74
N ASN A 270 -5.38 -8.77 16.98
CA ASN A 270 -5.14 -10.15 17.43
C ASN A 270 -4.09 -10.11 18.53
N PRO A 271 -4.24 -10.80 19.69
CA PRO A 271 -5.38 -11.67 20.01
C PRO A 271 -6.42 -11.11 20.99
N SER A 272 -6.71 -9.82 20.91
CA SER A 272 -7.66 -9.17 21.84
C SER A 272 -9.06 -9.77 21.60
N GLY A 273 -9.45 -9.97 20.35
CA GLY A 273 -10.74 -10.53 19.99
C GLY A 273 -10.88 -11.96 20.48
N PRO A 274 -9.97 -12.86 20.07
CA PRO A 274 -9.95 -14.23 20.57
C PRO A 274 -9.97 -14.35 22.10
N LYS A 275 -9.16 -13.57 22.78
CA LYS A 275 -9.11 -13.64 24.27
C LYS A 275 -10.46 -13.23 24.87
N TYR A 276 -11.11 -12.21 24.31
CA TYR A 276 -12.45 -11.84 24.82
C TYR A 276 -13.37 -13.04 24.59
N ALA A 277 -13.33 -13.60 23.38
CA ALA A 277 -14.24 -14.68 22.96
C ALA A 277 -14.07 -15.89 23.88
N LEU A 278 -12.85 -16.25 24.20
CA LEU A 278 -12.55 -17.45 25.01
C LEU A 278 -12.97 -17.18 26.47
N SER A 279 -12.93 -15.91 26.91
CA SER A 279 -13.38 -15.52 28.27
C SER A 279 -14.90 -15.63 28.29
N ARG A 280 -15.56 -15.31 27.18
CA ARG A 280 -17.05 -15.36 27.12
C ARG A 280 -17.51 -16.82 27.17
N LEU A 281 -16.66 -17.79 26.79
CA LEU A 281 -16.97 -19.25 26.90
C LEU A 281 -16.64 -19.77 28.30
N GLY A 282 -16.09 -18.90 29.15
CA GLY A 282 -15.75 -19.21 30.55
C GLY A 282 -14.42 -19.92 30.67
N ARG A 283 -13.55 -19.89 29.65
CA ARG A 283 -12.37 -20.81 29.60
C ARG A 283 -11.07 -20.10 29.97
N ILE A 284 -11.04 -18.76 29.97
CA ILE A 284 -9.86 -17.93 30.36
C ILE A 284 -10.35 -16.58 30.90
N GLU A 285 -9.43 -15.85 31.53
CA GLU A 285 -9.57 -14.41 31.90
C GLU A 285 -9.28 -13.55 30.67
N ASN A 286 -10.00 -12.45 30.49
CA ASN A 286 -9.84 -11.52 29.35
C ASN A 286 -8.67 -10.60 29.69
N VAL A 287 -7.44 -11.10 29.54
CA VAL A 287 -6.23 -10.39 30.04
C VAL A 287 -5.12 -10.48 29.00
N LEU A 288 -4.58 -9.32 28.62
CA LEU A 288 -3.46 -9.24 27.64
C LEU A 288 -2.32 -8.46 28.29
N ARG A 289 -1.12 -8.63 27.74
CA ARG A 289 0.07 -7.84 28.14
C ARG A 289 0.30 -6.69 27.16
N SER A 290 0.45 -5.49 27.70
CA SER A 290 0.91 -4.27 26.99
C SER A 290 2.04 -4.63 26.01
N PRO A 291 2.02 -4.15 24.74
CA PRO A 291 1.05 -3.16 24.27
C PRO A 291 -0.31 -3.67 23.74
N MET A 292 -0.62 -4.95 23.88
CA MET A 292 -1.95 -5.51 23.54
C MET A 292 -2.92 -5.20 24.72
N VAL A 293 -4.19 -4.95 24.41
CA VAL A 293 -5.20 -4.41 25.34
C VAL A 293 -6.54 -5.07 25.04
N THR A 294 -7.41 -5.12 26.04
CA THR A 294 -8.75 -5.73 25.95
C THR A 294 -9.57 -4.90 24.96
N ILE A 295 -10.49 -5.58 24.29
CA ILE A 295 -11.33 -4.96 23.26
C ILE A 295 -12.32 -4.05 23.97
N GLU A 296 -12.89 -3.11 23.21
CA GLU A 296 -13.96 -2.23 23.69
C GLU A 296 -15.26 -3.02 23.77
N ALA A 297 -16.25 -2.52 24.53
CA ALA A 297 -17.57 -3.17 24.71
C ALA A 297 -18.23 -3.41 23.35
N ALA A 298 -18.20 -2.40 22.46
CA ALA A 298 -18.80 -2.45 21.09
C ALA A 298 -18.31 -3.64 20.29
N THR A 299 -16.99 -3.86 20.27
CA THR A 299 -16.38 -5.04 19.60
C THR A 299 -16.88 -6.32 20.26
N ALA A 300 -16.92 -6.33 21.58
CA ALA A 300 -17.31 -7.50 22.40
C ALA A 300 -18.71 -7.93 21.99
N GLU A 301 -19.61 -6.98 21.73
CA GLU A 301 -21.02 -7.21 21.33
C GLU A 301 -21.07 -7.79 19.91
N LYS A 302 -20.20 -7.33 19.00
CA LYS A 302 -20.18 -7.90 17.62
C LYS A 302 -19.61 -9.32 17.65
N ILE A 303 -18.72 -9.61 18.59
CA ILE A 303 -18.14 -10.97 18.79
C ILE A 303 -19.22 -11.88 19.38
N ASP A 304 -19.95 -11.42 20.40
CA ASP A 304 -21.10 -12.17 20.99
C ASP A 304 -22.07 -12.52 19.87
N HIS A 305 -22.47 -11.55 19.03
CA HIS A 305 -23.46 -11.78 17.94
C HIS A 305 -22.91 -12.85 16.98
N ALA A 306 -21.64 -12.75 16.61
CA ALA A 306 -21.02 -13.70 15.66
C ALA A 306 -20.99 -15.10 16.30
N MET A 307 -20.85 -15.19 17.62
CA MET A 307 -20.72 -16.46 18.36
C MET A 307 -22.10 -17.10 18.46
N LYS A 308 -23.16 -16.27 18.55
CA LYS A 308 -24.58 -16.72 18.54
C LYS A 308 -24.90 -17.33 17.18
N HIS A 309 -24.62 -16.58 16.10
CA HIS A 309 -24.79 -17.02 14.69
C HIS A 309 -24.19 -18.41 14.49
N ALA A 310 -23.01 -18.66 15.05
CA ALA A 310 -22.25 -19.92 14.89
C ALA A 310 -22.77 -21.01 15.85
N GLY A 311 -23.65 -20.65 16.80
CA GLY A 311 -24.26 -21.56 17.79
C GLY A 311 -23.29 -21.94 18.91
N LEU A 312 -22.31 -21.08 19.24
CA LEU A 312 -21.36 -21.38 20.35
C LEU A 312 -21.94 -20.94 21.69
N ILE A 313 -22.88 -19.99 21.69
CA ILE A 313 -23.53 -19.44 22.91
C ILE A 313 -24.97 -19.08 22.52
N ASN A 314 -25.90 -19.07 23.48
CA ASN A 314 -27.29 -18.59 23.30
C ASN A 314 -27.34 -17.08 23.53
N SER B 21 15.73 19.36 24.72
CA SER B 21 16.40 20.61 25.10
C SER B 21 17.61 20.89 24.15
N MET B 22 18.73 20.16 24.33
CA MET B 22 19.92 20.11 23.43
C MET B 22 19.68 19.05 22.33
N LEU B 23 18.43 18.65 22.09
CA LEU B 23 18.04 17.75 20.98
C LEU B 23 17.72 18.56 19.72
N LYS B 24 18.76 18.85 18.94
CA LYS B 24 18.71 19.70 17.73
C LYS B 24 19.77 19.16 16.77
N GLY B 25 19.57 19.38 15.47
CA GLY B 25 20.66 19.29 14.48
C GLY B 25 20.91 17.86 14.07
N SER B 26 22.13 17.57 13.62
CA SER B 26 22.54 16.27 13.04
C SER B 26 22.88 15.32 14.17
N ILE B 27 22.06 14.32 14.38
CA ILE B 27 22.20 13.30 15.45
C ILE B 27 22.39 11.95 14.77
N THR B 28 23.53 11.29 14.96
CA THR B 28 23.86 10.06 14.18
C THR B 28 23.20 8.84 14.83
N ALA B 29 22.46 8.11 14.01
CA ALA B 29 21.95 6.74 14.27
C ALA B 29 23.12 5.79 14.01
N LEU B 30 23.91 5.50 15.05
CA LEU B 30 25.23 4.84 14.93
C LEU B 30 25.09 3.41 14.42
N VAL B 31 25.89 3.05 13.42
CA VAL B 31 26.15 1.61 13.11
C VAL B 31 26.89 1.00 14.30
N THR B 32 26.69 -0.29 14.52
CA THR B 32 27.47 -1.14 15.48
C THR B 32 28.46 -1.97 14.68
N PRO B 33 29.78 -1.62 14.71
CA PRO B 33 30.77 -2.36 13.94
C PRO B 33 31.04 -3.74 14.52
N PHE B 34 31.20 -4.72 13.61
CA PHE B 34 31.65 -6.08 13.91
C PHE B 34 33.03 -6.31 13.28
N ASP B 35 33.82 -7.17 13.91
CA ASP B 35 35.19 -7.51 13.44
C ASP B 35 35.05 -8.66 12.44
N ARG B 36 36.18 -9.13 11.89
CA ARG B 36 36.19 -10.16 10.81
C ARG B 36 35.59 -11.47 11.36
N GLU B 37 35.44 -11.61 12.69
CA GLU B 37 34.84 -12.82 13.32
C GLU B 37 33.39 -12.59 13.81
N GLY B 38 32.78 -11.43 13.58
CA GLY B 38 31.38 -11.21 13.98
C GLY B 38 31.23 -10.64 15.39
N ALA B 39 32.32 -10.42 16.11
CA ALA B 39 32.27 -9.83 17.47
C ALA B 39 32.07 -8.31 17.36
N PHE B 40 31.53 -7.69 18.40
CA PHE B 40 31.51 -6.22 18.58
C PHE B 40 32.95 -5.68 18.44
N ASP B 41 33.20 -4.81 17.46
CA ASP B 41 34.54 -4.19 17.24
C ASP B 41 34.60 -2.92 18.08
N GLU B 42 34.86 -3.09 19.38
CA GLU B 42 34.77 -2.00 20.36
C GLU B 42 35.79 -0.93 20.00
N LYS B 43 36.95 -1.33 19.49
CA LYS B 43 38.04 -0.37 19.19
C LYS B 43 37.61 0.53 18.04
N ALA B 44 37.06 -0.02 16.95
CA ALA B 44 36.58 0.80 15.80
C ALA B 44 35.44 1.71 16.26
N PHE B 45 34.60 1.21 17.16
CA PHE B 45 33.40 1.95 17.60
C PHE B 45 33.81 3.18 18.41
N ARG B 46 34.76 3.01 19.34
CA ARG B 46 35.26 4.13 20.18
CA ARG B 46 35.34 4.09 20.18
C ARG B 46 35.89 5.21 19.29
N ALA B 47 36.71 4.85 18.30
CA ALA B 47 37.37 5.80 17.38
C ALA B 47 36.29 6.49 16.53
N PHE B 48 35.24 5.76 16.16
CA PHE B 48 34.16 6.23 15.26
C PHE B 48 33.31 7.25 16.01
N VAL B 49 32.94 6.93 17.25
CA VAL B 49 32.09 7.85 18.04
C VAL B 49 32.85 9.15 18.26
N ASN B 50 34.17 9.05 18.48
CA ASN B 50 35.03 10.23 18.74
C ASN B 50 35.11 11.06 17.46
N TRP B 51 35.34 10.38 16.34
CA TRP B 51 35.41 11.03 15.00
C TRP B 51 34.11 11.79 14.74
N GLN B 52 32.97 11.16 14.99
CA GLN B 52 31.63 11.76 14.81
C GLN B 52 31.55 13.11 15.52
N ILE B 53 31.95 13.14 16.79
CA ILE B 53 31.87 14.34 17.64
C ILE B 53 32.83 15.41 17.09
N GLU B 54 34.08 15.03 16.76
CA GLU B 54 35.13 15.91 16.17
C GLU B 54 34.59 16.53 14.89
N GLU B 55 33.75 15.80 14.12
CA GLU B 55 33.27 16.31 12.81
C GLU B 55 32.02 17.18 12.97
N GLY B 56 31.45 17.26 14.17
CA GLY B 56 30.37 18.24 14.49
C GLY B 56 28.99 17.62 14.67
N THR B 57 28.87 16.31 14.72
CA THR B 57 27.64 15.58 15.14
C THR B 57 27.16 16.13 16.49
N LYS B 58 25.87 16.43 16.62
CA LYS B 58 25.28 17.15 17.78
C LYS B 58 24.68 16.16 18.78
N GLY B 59 24.62 14.89 18.44
CA GLY B 59 24.01 13.88 19.34
C GLY B 59 24.25 12.50 18.79
N LEU B 60 24.16 11.49 19.64
CA LEU B 60 24.45 10.09 19.27
C LEU B 60 23.31 9.18 19.73
N VAL B 61 22.83 8.32 18.82
CA VAL B 61 21.87 7.23 19.15
C VAL B 61 22.59 5.91 18.93
N PRO B 62 23.08 5.30 20.02
CA PRO B 62 23.52 3.91 20.00
C PRO B 62 22.32 2.95 20.02
N VAL B 63 22.54 1.78 19.46
CA VAL B 63 21.64 0.60 19.42
C VAL B 63 20.24 1.01 18.97
N GLY B 64 20.14 1.77 17.88
CA GLY B 64 18.87 1.98 17.15
C GLY B 64 18.71 1.04 15.96
N THR B 65 17.91 1.47 14.97
CA THR B 65 17.57 0.68 13.75
C THR B 65 18.87 0.33 13.01
N THR B 66 19.74 1.33 12.89
CA THR B 66 20.95 1.31 12.05
C THR B 66 22.06 0.58 12.83
N GLY B 67 21.87 0.38 14.14
CA GLY B 67 22.84 -0.28 15.03
C GLY B 67 22.68 -1.79 15.10
N GLU B 68 21.74 -2.37 14.35
CA GLU B 68 21.49 -3.82 14.27
C GLU B 68 21.21 -4.34 15.68
N THR B 69 20.43 -3.57 16.47
CA THR B 69 20.01 -3.97 17.83
C THR B 69 19.47 -5.40 17.82
N PRO B 70 18.68 -5.84 16.82
CA PRO B 70 18.09 -7.18 16.87
C PRO B 70 19.10 -8.32 16.99
N THR B 71 20.33 -8.13 16.50
CA THR B 71 21.34 -9.20 16.43
C THR B 71 22.35 -9.02 17.57
N LEU B 72 22.20 -7.99 18.43
CA LEU B 72 23.07 -7.84 19.63
C LEU B 72 22.52 -8.71 20.77
N SER B 73 23.37 -9.45 21.46
CA SER B 73 23.04 -10.13 22.73
C SER B 73 22.72 -9.06 23.78
N HIS B 74 22.08 -9.43 24.89
CA HIS B 74 21.76 -8.53 26.02
C HIS B 74 23.04 -7.81 26.50
N ASP B 75 24.18 -8.52 26.59
CA ASP B 75 25.46 -7.95 27.10
C ASP B 75 26.04 -6.98 26.05
N GLU B 76 25.96 -7.35 24.78
CA GLU B 76 26.49 -6.48 23.69
C GLU B 76 25.66 -5.19 23.67
N HIS B 77 24.34 -5.33 23.86
CA HIS B 77 23.39 -4.19 23.87
C HIS B 77 23.84 -3.19 24.95
N LYS B 78 24.06 -3.67 26.17
CA LYS B 78 24.49 -2.84 27.34
C LYS B 78 25.84 -2.17 27.02
N ARG B 79 26.76 -2.94 26.45
CA ARG B 79 28.16 -2.51 26.22
C ARG B 79 28.20 -1.40 25.16
N VAL B 80 27.42 -1.50 24.08
CA VAL B 80 27.50 -0.46 23.02
C VAL B 80 27.01 0.87 23.61
N ILE B 81 25.94 0.87 24.41
CA ILE B 81 25.46 2.08 25.14
C ILE B 81 26.58 2.59 26.06
N GLU B 82 27.18 1.71 26.88
CA GLU B 82 28.22 2.12 27.85
C GLU B 82 29.39 2.79 27.14
N VAL B 83 29.89 2.15 26.09
CA VAL B 83 31.07 2.66 25.34
C VAL B 83 30.66 4.00 24.73
N CYS B 84 29.48 4.09 24.13
CA CYS B 84 29.00 5.36 23.53
C CYS B 84 29.06 6.48 24.59
N ILE B 85 28.53 6.24 25.79
CA ILE B 85 28.46 7.23 26.91
C ILE B 85 29.89 7.58 27.35
N GLU B 86 30.76 6.59 27.48
CA GLU B 86 32.14 6.73 27.99
C GLU B 86 32.93 7.65 27.04
N VAL B 87 32.83 7.40 25.73
CA VAL B 87 33.59 8.17 24.71
C VAL B 87 33.02 9.59 24.61
N ALA B 88 31.71 9.71 24.66
CA ALA B 88 30.99 11.00 24.56
C ALA B 88 31.52 11.94 25.63
N ALA B 89 31.68 11.44 26.87
CA ALA B 89 32.21 12.21 28.01
C ALA B 89 31.47 13.54 28.15
N GLY B 90 30.14 13.52 28.08
CA GLY B 90 29.26 14.70 28.25
C GLY B 90 29.39 15.73 27.14
N ARG B 91 30.13 15.44 26.05
CA ARG B 91 30.38 16.49 25.01
C ARG B 91 29.11 16.66 24.18
N VAL B 92 28.39 15.58 23.92
CA VAL B 92 27.08 15.63 23.18
C VAL B 92 26.12 14.73 23.90
N PRO B 93 24.79 14.97 23.83
CA PRO B 93 23.80 14.03 24.35
C PRO B 93 23.87 12.65 23.68
N VAL B 94 23.71 11.62 24.51
CA VAL B 94 23.52 10.21 24.08
C VAL B 94 22.04 9.89 24.29
N ILE B 95 21.35 9.59 23.20
CA ILE B 95 19.92 9.18 23.23
C ILE B 95 19.96 7.69 22.98
N ALA B 96 19.96 6.89 24.04
CA ALA B 96 20.08 5.42 23.92
C ALA B 96 18.81 4.88 23.29
N GLY B 97 18.95 4.05 22.27
CA GLY B 97 17.86 3.16 21.81
C GLY B 97 17.42 2.31 22.98
N ALA B 98 16.12 2.25 23.27
CA ALA B 98 15.51 1.45 24.36
C ALA B 98 14.17 0.90 23.88
N GLY B 99 14.16 0.39 22.64
CA GLY B 99 12.95 -0.07 21.94
C GLY B 99 12.67 -1.54 22.18
N SER B 100 11.39 -1.88 22.34
CA SER B 100 10.89 -3.28 22.42
C SER B 100 9.41 -3.28 22.04
N ASN B 101 8.90 -4.39 21.57
CA ASN B 101 7.44 -4.58 21.32
C ASN B 101 6.78 -5.12 22.59
N ASN B 102 7.57 -5.25 23.66
CA ASN B 102 7.14 -5.71 25.01
C ASN B 102 7.31 -4.55 26.00
N THR B 103 6.22 -4.02 26.57
CA THR B 103 6.25 -2.81 27.43
C THR B 103 7.17 -3.05 28.65
N VAL B 104 7.05 -4.20 29.31
CA VAL B 104 7.90 -4.56 30.49
C VAL B 104 9.38 -4.52 30.05
N GLU B 105 9.69 -5.08 28.87
CA GLU B 105 11.09 -5.12 28.39
C GLU B 105 11.57 -3.68 28.15
N ALA B 106 10.74 -2.83 27.52
CA ALA B 106 11.11 -1.44 27.17
C ALA B 106 11.34 -0.60 28.44
N ILE B 107 10.53 -0.80 29.49
CA ILE B 107 10.77 -0.20 30.83
C ILE B 107 12.19 -0.57 31.30
N GLU B 108 12.49 -1.87 31.37
CA GLU B 108 13.80 -2.38 31.82
C GLU B 108 14.92 -1.75 30.97
N LEU B 109 14.77 -1.68 29.65
CA LEU B 109 15.84 -1.13 28.76
C LEU B 109 16.03 0.35 29.04
N ALA B 110 14.92 1.09 29.24
CA ALA B 110 15.01 2.54 29.44
C ALA B 110 15.66 2.83 30.80
N GLN B 111 15.29 2.08 31.83
CA GLN B 111 15.85 2.28 33.18
C GLN B 111 17.35 1.96 33.17
N HIS B 112 17.75 0.91 32.46
CA HIS B 112 19.17 0.48 32.38
C HIS B 112 19.94 1.58 31.64
N ALA B 113 19.36 2.16 30.58
CA ALA B 113 19.99 3.26 29.80
C ALA B 113 20.25 4.47 30.72
N GLU B 114 19.25 4.82 31.55
CA GLU B 114 19.30 5.96 32.51
C GLU B 114 20.39 5.70 33.56
N LYS B 115 20.39 4.53 34.19
CA LYS B 115 21.38 4.13 35.22
C LYS B 115 22.78 4.22 34.61
N ALA B 116 22.96 3.87 33.33
CA ALA B 116 24.28 3.83 32.64
C ALA B 116 24.73 5.26 32.30
N GLY B 117 23.82 6.25 32.37
CA GLY B 117 24.15 7.68 32.25
C GLY B 117 23.74 8.28 30.91
N ALA B 118 22.78 7.67 30.21
CA ALA B 118 22.20 8.20 28.96
C ALA B 118 21.46 9.50 29.29
N ASP B 119 21.42 10.42 28.33
CA ASP B 119 20.82 11.77 28.46
C ASP B 119 19.31 11.67 28.18
N ALA B 120 18.91 10.67 27.40
CA ALA B 120 17.53 10.49 26.90
C ALA B 120 17.39 9.12 26.26
N VAL B 121 16.18 8.69 25.96
CA VAL B 121 15.96 7.37 25.31
C VAL B 121 15.11 7.59 24.05
N LEU B 122 15.40 6.78 23.03
CA LEU B 122 14.64 6.69 21.76
C LEU B 122 13.86 5.38 21.82
N VAL B 123 12.54 5.45 21.74
CA VAL B 123 11.65 4.30 22.03
C VAL B 123 10.72 4.15 20.84
N VAL B 124 10.95 3.10 20.05
CA VAL B 124 10.17 2.79 18.82
C VAL B 124 8.75 2.35 19.20
N THR B 125 7.81 2.63 18.31
CA THR B 125 6.47 1.99 18.29
C THR B 125 6.68 0.49 18.27
N PRO B 126 5.99 -0.31 19.15
CA PRO B 126 6.06 -1.77 19.08
C PRO B 126 5.85 -2.27 17.62
N TYR B 127 6.79 -3.10 17.17
CA TYR B 127 6.83 -3.81 15.85
C TYR B 127 6.25 -5.20 16.05
N TYR B 128 5.83 -5.80 14.93
CA TYR B 128 5.33 -7.18 14.81
C TYR B 128 3.90 -7.31 15.37
N ASN B 129 3.65 -6.91 16.63
CA ASN B 129 2.41 -7.32 17.34
C ASN B 129 1.25 -6.36 17.05
N LYS B 130 1.51 -5.24 16.40
CA LYS B 130 0.53 -4.30 15.79
C LYS B 130 -0.56 -3.89 16.79
N PRO B 131 -0.19 -3.16 17.86
CA PRO B 131 -1.19 -2.58 18.75
C PRO B 131 -1.98 -1.43 18.11
N ASN B 132 -3.15 -1.12 18.69
CA ASN B 132 -3.98 0.05 18.37
C ASN B 132 -3.42 1.27 19.11
N GLN B 133 -4.11 2.40 19.02
CA GLN B 133 -3.67 3.71 19.56
C GLN B 133 -3.70 3.64 21.09
N ARG B 134 -4.68 2.96 21.69
CA ARG B 134 -4.74 2.81 23.17
C ARG B 134 -3.49 2.07 23.62
N GLY B 135 -3.11 1.01 22.92
CA GLY B 135 -1.94 0.20 23.28
C GLY B 135 -0.67 1.02 23.17
N LEU B 136 -0.55 1.84 22.14
CA LEU B 136 0.59 2.76 21.99
C LEU B 136 0.61 3.74 23.18
N TYR B 137 -0.52 4.32 23.51
CA TYR B 137 -0.62 5.29 24.64
C TYR B 137 -0.13 4.60 25.92
N GLU B 138 -0.61 3.40 26.19
CA GLU B 138 -0.23 2.62 27.38
C GLU B 138 1.25 2.30 27.36
N HIS B 139 1.76 1.83 26.23
CA HIS B 139 3.19 1.48 26.06
C HIS B 139 4.06 2.68 26.44
N PHE B 140 3.83 3.83 25.83
CA PHE B 140 4.70 5.04 25.97
C PHE B 140 4.52 5.69 27.37
N SER B 141 3.29 5.74 27.91
CA SER B 141 3.02 6.32 29.27
C SER B 141 3.72 5.47 30.35
N ARG B 142 3.59 4.15 30.30
CA ARG B 142 4.31 3.27 31.26
C ARG B 142 5.84 3.38 31.12
N VAL B 143 6.39 3.45 29.90
CA VAL B 143 7.88 3.47 29.75
C VAL B 143 8.39 4.80 30.28
N VAL B 144 7.79 5.91 29.90
CA VAL B 144 8.30 7.26 30.29
C VAL B 144 8.14 7.48 31.80
N ARG B 145 7.09 6.96 32.44
CA ARG B 145 6.86 7.09 33.90
C ARG B 145 7.88 6.27 34.68
N SER B 146 8.53 5.29 34.06
CA SER B 146 9.53 4.40 34.70
C SER B 146 10.88 5.12 34.85
N ILE B 147 11.04 6.29 34.25
CA ILE B 147 12.36 6.97 34.13
C ILE B 147 12.20 8.45 34.43
N SER B 148 13.34 9.15 34.47
CA SER B 148 13.44 10.57 34.85
C SER B 148 14.19 11.35 33.78
N ILE B 149 14.56 10.72 32.66
CA ILE B 149 15.24 11.42 31.54
C ILE B 149 14.25 11.53 30.40
N PRO B 150 14.48 12.46 29.45
CA PRO B 150 13.55 12.66 28.36
C PRO B 150 13.45 11.42 27.45
N LEU B 151 12.27 11.27 26.88
CA LEU B 151 11.89 10.19 25.94
C LEU B 151 11.51 10.83 24.61
N VAL B 152 12.05 10.26 23.53
CA VAL B 152 11.67 10.59 22.13
C VAL B 152 10.90 9.39 21.57
N ILE B 153 9.68 9.63 21.11
CA ILE B 153 8.88 8.67 20.35
C ILE B 153 9.54 8.45 18.98
N TYR B 154 9.66 7.20 18.56
CA TYR B 154 10.16 6.87 17.22
C TYR B 154 9.00 6.25 16.43
N ASN B 155 8.41 6.99 15.52
CA ASN B 155 7.24 6.58 14.71
C ASN B 155 7.76 6.14 13.34
N ILE B 156 7.71 4.82 13.07
CA ILE B 156 8.26 4.24 11.82
C ILE B 156 7.32 3.13 11.34
N PRO B 157 6.24 3.53 10.61
CA PRO B 157 5.33 2.56 10.01
C PRO B 157 6.03 1.61 9.03
N GLY B 158 7.13 2.05 8.41
CA GLY B 158 7.86 1.25 7.42
C GLY B 158 8.55 0.04 8.05
N ARG B 159 8.66 -0.01 9.39
CA ARG B 159 9.24 -1.18 10.12
C ARG B 159 8.26 -1.76 11.14
N SER B 160 7.40 -0.96 11.79
CA SER B 160 6.47 -1.46 12.84
C SER B 160 5.02 -1.61 12.33
N ILE B 161 4.75 -1.10 11.10
CA ILE B 161 3.49 -1.20 10.31
C ILE B 161 2.42 -0.26 10.87
N ILE B 162 2.17 -0.29 12.17
CA ILE B 162 1.21 0.62 12.83
C ILE B 162 1.87 2.02 12.92
N ASP B 163 1.05 3.03 13.20
CA ASP B 163 1.37 4.46 12.99
C ASP B 163 0.68 5.23 14.11
N MET B 164 1.49 5.84 14.97
CA MET B 164 1.00 6.71 16.02
C MET B 164 0.50 7.97 15.33
N THR B 165 -0.79 8.24 15.48
CA THR B 165 -1.45 9.41 14.86
C THR B 165 -0.98 10.67 15.57
N PRO B 166 -1.07 11.83 14.93
CA PRO B 166 -0.81 13.08 15.63
C PRO B 166 -1.66 13.22 16.89
N GLU B 167 -2.90 12.69 16.88
CA GLU B 167 -3.85 12.78 18.03
C GLU B 167 -3.26 11.97 19.19
N THR B 168 -2.84 10.73 18.94
CA THR B 168 -2.24 9.88 19.99
C THR B 168 -0.96 10.54 20.50
N MET B 169 -0.15 11.09 19.60
CA MET B 169 1.13 11.76 19.97
C MET B 169 0.82 12.94 20.87
N GLY B 170 -0.20 13.73 20.50
CA GLY B 170 -0.71 14.87 21.29
C GLY B 170 -1.08 14.48 22.70
N ALA B 171 -1.88 13.43 22.83
CA ALA B 171 -2.29 12.88 24.15
C ALA B 171 -1.07 12.56 25.01
N LEU B 172 -0.05 11.93 24.43
CA LEU B 172 1.17 11.49 25.17
C LEU B 172 2.01 12.71 25.61
N VAL B 173 2.19 13.69 24.76
CA VAL B 173 3.00 14.89 25.11
C VAL B 173 2.23 15.69 26.20
N ARG B 174 0.94 15.83 26.02
CA ARG B 174 0.04 16.55 26.94
C ARG B 174 0.12 15.90 28.33
N ASP B 175 0.11 14.57 28.41
CA ASP B 175 -0.07 13.82 29.67
C ASP B 175 1.27 13.40 30.28
N CYS B 176 2.36 13.39 29.51
CA CYS B 176 3.65 12.85 30.02
C CYS B 176 4.72 13.91 29.87
N LYS B 177 5.21 14.42 31.00
CA LYS B 177 6.17 15.55 31.09
C LYS B 177 7.42 15.26 30.26
N ASN B 178 7.98 14.08 30.44
CA ASN B 178 9.32 13.71 29.93
C ASN B 178 9.21 13.22 28.47
N ILE B 179 8.04 13.24 27.84
CA ILE B 179 7.94 12.93 26.38
C ILE B 179 8.10 14.27 25.67
N VAL B 180 9.25 14.46 25.04
CA VAL B 180 9.68 15.83 24.63
C VAL B 180 9.69 15.94 23.11
N GLY B 181 9.62 14.83 22.38
CA GLY B 181 9.88 14.91 20.93
C GLY B 181 9.70 13.61 20.21
N VAL B 182 9.91 13.62 18.91
CA VAL B 182 9.63 12.48 17.99
C VAL B 182 10.77 12.38 16.99
N LYS B 183 11.21 11.16 16.74
CA LYS B 183 11.89 10.78 15.50
C LYS B 183 10.80 10.34 14.51
N ASP B 184 10.50 11.19 13.54
CA ASP B 184 9.37 10.99 12.63
C ASP B 184 9.85 10.37 11.31
N ALA B 185 9.68 9.05 11.16
CA ALA B 185 10.12 8.25 9.99
C ALA B 185 8.91 7.87 9.14
N THR B 186 7.84 8.67 9.14
CA THR B 186 6.63 8.42 8.31
C THR B 186 6.93 8.72 6.85
N GLY B 187 7.87 9.63 6.55
CA GLY B 187 8.05 10.14 5.18
C GLY B 187 6.87 10.99 4.73
N LYS B 188 6.00 11.40 5.63
CA LYS B 188 4.78 12.16 5.29
C LYS B 188 4.91 13.50 5.98
N ILE B 189 5.40 14.51 5.26
CA ILE B 189 5.93 15.78 5.84
C ILE B 189 4.75 16.61 6.39
N GLU B 190 3.52 16.41 5.90
CA GLU B 190 2.29 17.02 6.48
C GLU B 190 2.15 16.63 7.95
N ARG B 191 2.71 15.50 8.38
CA ARG B 191 2.71 15.10 9.80
C ARG B 191 3.45 16.13 10.63
N VAL B 192 4.54 16.72 10.13
CA VAL B 192 5.32 17.70 10.93
C VAL B 192 4.37 18.85 11.28
N SER B 193 3.56 19.32 10.34
CA SER B 193 2.58 20.42 10.50
C SER B 193 1.49 20.04 11.50
N GLU B 194 1.00 18.81 11.40
CA GLU B 194 -0.12 18.31 12.23
C GLU B 194 0.39 18.12 13.66
N GLN B 195 1.60 17.58 13.79
CA GLN B 195 2.23 17.31 15.11
C GLN B 195 2.54 18.66 15.78
N ARG B 196 2.94 19.65 14.99
CA ARG B 196 3.27 21.01 15.49
C ARG B 196 1.96 21.65 16.00
N ALA B 197 0.86 21.52 15.26
CA ALA B 197 -0.46 22.12 15.61
C ALA B 197 -0.98 21.49 16.90
N ILE B 198 -0.84 20.17 17.04
CA ILE B 198 -1.44 19.42 18.18
C ILE B 198 -0.47 19.37 19.38
N CYS B 199 0.82 19.17 19.14
CA CYS B 199 1.82 18.95 20.22
C CYS B 199 2.47 20.29 20.58
N GLY B 200 2.34 21.30 19.71
CA GLY B 200 2.92 22.63 19.89
C GLY B 200 4.26 22.79 19.20
N LYS B 201 4.66 24.03 19.08
CA LYS B 201 5.90 24.48 18.45
C LYS B 201 7.14 24.07 19.25
N GLU B 202 7.03 23.84 20.56
CA GLU B 202 8.20 23.49 21.41
C GLU B 202 8.44 21.99 21.36
N PHE B 203 7.48 21.21 20.86
CA PHE B 203 7.64 19.76 20.68
C PHE B 203 8.79 19.51 19.69
N ILE B 204 9.76 18.68 20.10
CA ILE B 204 11.03 18.49 19.34
C ILE B 204 10.81 17.48 18.23
N GLN B 205 10.83 17.93 16.97
CA GLN B 205 10.59 17.03 15.82
C GLN B 205 11.91 16.85 15.08
N LEU B 206 12.32 15.61 14.97
CA LEU B 206 13.58 15.20 14.30
C LEU B 206 13.23 14.30 13.13
N SER B 207 13.75 14.61 11.94
CA SER B 207 13.47 13.76 10.77
C SER B 207 13.98 12.36 11.04
N GLY B 208 13.15 11.36 10.71
CA GLY B 208 13.58 9.96 10.72
C GLY B 208 14.02 9.50 9.34
N GLU B 209 14.04 10.39 8.34
CA GLU B 209 14.48 10.04 6.96
C GLU B 209 15.50 11.10 6.50
N ASP B 210 16.63 10.66 5.93
CA ASP B 210 17.70 11.60 5.46
C ASP B 210 17.19 12.41 4.26
N ALA B 211 16.54 11.74 3.30
CA ALA B 211 16.24 12.35 1.97
C ALA B 211 15.20 13.48 2.10
N THR B 212 14.38 13.47 3.16
CA THR B 212 13.34 14.51 3.37
C THR B 212 13.65 15.37 4.61
N ALA B 213 14.83 15.29 5.19
CA ALA B 213 15.29 16.13 6.33
C ALA B 213 15.04 17.62 6.07
N LEU B 214 15.31 18.05 4.85
CA LEU B 214 15.27 19.46 4.40
C LEU B 214 13.83 19.98 4.52
N GLY B 215 12.88 19.31 3.89
CA GLY B 215 11.47 19.72 3.91
C GLY B 215 10.90 19.55 5.30
N PHE B 216 11.28 18.48 5.97
CA PHE B 216 10.95 18.22 7.39
C PHE B 216 11.27 19.47 8.22
N ASN B 217 12.48 20.05 8.06
CA ASN B 217 12.88 21.25 8.83
C ASN B 217 12.05 22.47 8.40
N ALA B 218 11.73 22.59 7.12
CA ALA B 218 10.90 23.72 6.62
C ALA B 218 9.53 23.71 7.30
N HIS B 219 8.99 22.54 7.62
CA HIS B 219 7.66 22.43 8.27
C HIS B 219 7.75 22.61 9.79
N GLY B 220 8.97 22.75 10.35
CA GLY B 220 9.18 22.97 11.78
C GLY B 220 10.05 21.96 12.49
N GLY B 221 10.70 21.04 11.77
CA GLY B 221 11.73 20.17 12.37
C GLY B 221 12.91 20.99 12.85
N VAL B 222 13.63 20.47 13.85
CA VAL B 222 14.83 21.12 14.44
C VAL B 222 16.02 20.14 14.32
N GLY B 223 15.93 19.11 13.46
CA GLY B 223 17.08 18.21 13.25
C GLY B 223 16.68 16.88 12.64
N CYS B 224 17.63 15.92 12.61
CA CYS B 224 17.50 14.60 11.92
C CYS B 224 18.30 13.58 12.70
N ILE B 225 17.68 12.47 13.04
CA ILE B 225 18.38 11.27 13.53
C ILE B 225 18.70 10.48 12.27
N SER B 226 19.97 10.55 11.90
CA SER B 226 20.48 10.44 10.51
C SER B 226 21.24 9.12 10.33
N VAL B 227 21.08 8.49 9.16
CA VAL B 227 21.98 7.38 8.73
C VAL B 227 23.17 7.98 7.99
N THR B 228 22.92 8.90 7.07
CA THR B 228 23.96 9.49 6.18
C THR B 228 25.08 10.08 7.05
N SER B 229 24.77 10.59 8.25
CA SER B 229 25.74 11.33 9.10
C SER B 229 26.77 10.33 9.64
N ASN B 230 26.48 9.05 9.55
CA ASN B 230 27.49 7.99 9.82
C ASN B 230 28.68 8.18 8.89
N ILE B 231 28.41 8.61 7.66
CA ILE B 231 29.40 8.60 6.55
C ILE B 231 29.92 10.02 6.33
N ALA B 232 29.05 11.03 6.39
CA ALA B 232 29.37 12.45 6.13
C ALA B 232 28.95 13.29 7.34
N PRO B 233 29.49 13.03 8.55
CA PRO B 233 29.04 13.75 9.74
C PRO B 233 29.17 15.27 9.59
N ARG B 234 30.27 15.74 8.98
CA ARG B 234 30.55 17.18 8.89
C ARG B 234 29.54 17.83 7.95
N LEU B 235 29.34 17.31 6.74
CA LEU B 235 28.41 17.92 5.76
C LEU B 235 26.99 17.89 6.32
N CYS B 236 26.63 16.81 7.01
CA CYS B 236 25.28 16.63 7.60
C CYS B 236 25.12 17.65 8.75
N ALA B 237 26.16 17.87 9.55
CA ALA B 237 26.15 18.86 10.65
C ALA B 237 25.93 20.28 10.07
N GLU B 238 26.66 20.63 9.00
CA GLU B 238 26.51 21.96 8.31
C GLU B 238 25.11 22.15 7.70
N PHE B 239 24.61 21.10 7.05
CA PHE B 239 23.26 21.07 6.43
C PHE B 239 22.23 21.39 7.52
N GLN B 240 22.33 20.71 8.67
CA GLN B 240 21.37 20.90 9.78
C GLN B 240 21.53 22.31 10.34
N GLU B 241 22.77 22.77 10.55
CA GLU B 241 23.06 24.14 11.05
C GLU B 241 22.42 25.18 10.12
N ALA B 242 22.63 25.05 8.81
CA ALA B 242 22.00 25.88 7.75
C ALA B 242 20.47 25.92 7.93
N CYS B 243 19.79 24.77 8.07
CA CYS B 243 18.33 24.72 8.29
C CYS B 243 17.95 25.47 9.60
N GLN B 244 18.69 25.23 10.69
CA GLN B 244 18.34 25.83 11.99
C GLN B 244 18.63 27.34 11.95
N ALA B 245 19.54 27.81 11.11
CA ALA B 245 19.82 29.27 10.93
C ALA B 245 18.78 29.90 10.03
N GLY B 246 18.02 29.12 9.29
CA GLY B 246 17.06 29.64 8.29
C GLY B 246 17.71 29.87 6.93
N ASN B 247 18.93 29.36 6.75
CA ASN B 247 19.67 29.43 5.45
C ASN B 247 19.28 28.18 4.64
N PHE B 248 18.06 28.15 4.13
CA PHE B 248 17.48 27.05 3.32
C PHE B 248 18.15 27.02 1.94
N ALA B 249 18.56 28.17 1.37
CA ALA B 249 19.36 28.25 0.11
C ALA B 249 20.67 27.45 0.23
N LYS B 250 21.42 27.66 1.33
CA LYS B 250 22.66 26.88 1.60
C LYS B 250 22.30 25.40 1.84
N ALA B 251 21.28 25.12 2.64
CA ALA B 251 20.83 23.75 2.92
C ALA B 251 20.54 23.02 1.59
N LEU B 252 19.87 23.68 0.64
CA LEU B 252 19.55 23.08 -0.68
C LEU B 252 20.84 22.81 -1.51
N GLU B 253 21.82 23.69 -1.48
CA GLU B 253 23.17 23.48 -2.10
C GLU B 253 23.79 22.20 -1.50
N LEU B 254 23.66 22.01 -0.18
CA LEU B 254 24.19 20.83 0.53
C LEU B 254 23.36 19.59 0.18
N GLN B 255 22.03 19.71 0.07
CA GLN B 255 21.13 18.65 -0.49
C GLN B 255 21.61 18.21 -1.89
N ASP B 256 22.02 19.13 -2.77
CA ASP B 256 22.49 18.76 -4.14
C ASP B 256 23.70 17.82 -4.05
N ARG B 257 24.54 18.05 -3.04
CA ARG B 257 25.77 17.30 -2.74
C ARG B 257 25.45 15.96 -2.06
N LEU B 258 24.44 15.89 -1.19
CA LEU B 258 24.24 14.73 -0.29
C LEU B 258 23.23 13.75 -0.89
N MET B 259 22.32 14.21 -1.76
CA MET B 259 21.18 13.37 -2.18
C MET B 259 21.65 12.09 -2.89
N PRO B 260 22.67 12.10 -3.78
CA PRO B 260 23.14 10.86 -4.37
C PRO B 260 23.61 9.87 -3.31
N LEU B 261 24.20 10.34 -2.20
CA LEU B 261 24.61 9.45 -1.09
C LEU B 261 23.37 9.04 -0.28
N HIS B 262 22.44 9.94 -0.01
CA HIS B 262 21.14 9.56 0.62
C HIS B 262 20.54 8.39 -0.16
N LYS B 263 20.60 8.42 -1.49
CA LYS B 263 19.95 7.39 -2.33
C LYS B 263 20.82 6.13 -2.35
N ALA B 264 22.11 6.21 -2.74
CA ALA B 264 22.97 5.02 -2.89
C ALA B 264 23.02 4.24 -1.57
N LEU B 265 22.96 4.89 -0.42
CA LEU B 265 23.06 4.22 0.90
C LEU B 265 21.86 3.30 1.14
N PHE B 266 20.74 3.51 0.46
CA PHE B 266 19.49 2.75 0.70
C PHE B 266 19.08 1.90 -0.48
N LEU B 267 19.94 1.71 -1.49
CA LEU B 267 19.68 0.76 -2.61
C LEU B 267 19.43 -0.64 -2.03
N GLU B 268 20.16 -0.99 -0.98
CA GLU B 268 20.05 -2.32 -0.30
C GLU B 268 19.67 -2.02 1.13
N PRO B 269 19.24 -3.04 1.90
CA PRO B 269 18.66 -2.79 3.23
C PRO B 269 19.70 -2.23 4.22
N ASN B 270 19.32 -1.14 4.89
CA ASN B 270 20.03 -0.49 6.00
C ASN B 270 20.30 -1.55 7.05
N PRO B 271 21.52 -1.65 7.64
CA PRO B 271 22.67 -0.79 7.36
C PRO B 271 23.77 -1.36 6.47
N SER B 272 23.41 -2.13 5.46
CA SER B 272 24.36 -2.77 4.51
C SER B 272 25.13 -1.70 3.77
N GLY B 273 24.42 -0.71 3.25
CA GLY B 273 24.99 0.40 2.51
C GLY B 273 25.94 1.22 3.38
N PRO B 274 25.45 1.77 4.50
CA PRO B 274 26.31 2.51 5.44
C PRO B 274 27.54 1.74 5.91
N LYS B 275 27.41 0.46 6.24
CA LYS B 275 28.57 -0.33 6.71
C LYS B 275 29.59 -0.47 5.57
N TYR B 276 29.15 -0.69 4.34
CA TYR B 276 30.11 -0.74 3.22
C TYR B 276 30.80 0.63 3.15
N ALA B 277 30.00 1.71 3.17
CA ALA B 277 30.52 3.08 3.01
C ALA B 277 31.59 3.38 4.07
N LEU B 278 31.34 3.01 5.30
CA LEU B 278 32.25 3.32 6.43
C LEU B 278 33.51 2.43 6.32
N SER B 279 33.40 1.24 5.73
CA SER B 279 34.56 0.34 5.48
C SER B 279 35.40 0.98 4.38
N ARG B 280 34.76 1.64 3.41
CA ARG B 280 35.49 2.29 2.29
C ARG B 280 36.26 3.52 2.82
N LEU B 281 35.87 4.11 3.96
CA LEU B 281 36.60 5.23 4.61
C LEU B 281 37.70 4.67 5.52
N GLY B 282 37.76 3.35 5.65
CA GLY B 282 38.79 2.63 6.41
C GLY B 282 38.48 2.62 7.90
N ARG B 283 37.21 2.81 8.30
CA ARG B 283 36.85 3.08 9.72
C ARG B 283 36.24 1.84 10.38
N ILE B 284 35.73 0.87 9.62
CA ILE B 284 35.17 -0.40 10.14
C ILE B 284 35.41 -1.52 9.11
N GLU B 285 35.15 -2.74 9.53
CA GLU B 285 35.07 -3.93 8.64
C GLU B 285 33.65 -3.99 8.04
N ASN B 286 33.56 -4.45 6.79
CA ASN B 286 32.25 -4.55 6.08
C ASN B 286 31.66 -5.88 6.52
N VAL B 287 31.05 -5.92 7.70
CA VAL B 287 30.54 -7.16 8.31
C VAL B 287 29.17 -6.85 8.97
N LEU B 288 28.18 -7.69 8.68
CA LEU B 288 26.81 -7.62 9.23
C LEU B 288 26.45 -9.00 9.80
N ARG B 289 25.41 -9.03 10.64
CA ARG B 289 24.91 -10.29 11.24
C ARG B 289 23.61 -10.70 10.55
N SER B 290 23.50 -11.97 10.16
CA SER B 290 22.28 -12.60 9.62
C SER B 290 21.08 -12.21 10.48
N PRO B 291 19.93 -11.78 9.90
CA PRO B 291 19.67 -11.90 8.47
C PRO B 291 20.09 -10.75 7.56
N MET B 292 20.83 -9.78 8.08
CA MET B 292 21.43 -8.68 7.28
C MET B 292 22.71 -9.20 6.60
N VAL B 293 23.00 -8.74 5.38
CA VAL B 293 24.15 -9.20 4.55
C VAL B 293 24.84 -8.01 3.89
N THR B 294 26.08 -8.17 3.52
CA THR B 294 26.89 -7.18 2.79
C THR B 294 26.23 -6.92 1.43
N ILE B 295 26.47 -5.75 0.89
CA ILE B 295 25.90 -5.32 -0.41
C ILE B 295 26.62 -6.03 -1.56
N GLU B 296 25.99 -6.03 -2.72
CA GLU B 296 26.57 -6.50 -4.01
C GLU B 296 27.60 -5.48 -4.50
N ALA B 297 28.52 -5.92 -5.36
CA ALA B 297 29.58 -5.09 -5.99
C ALA B 297 28.98 -3.85 -6.65
N ALA B 298 27.90 -4.03 -7.42
CA ALA B 298 27.22 -2.98 -8.21
C ALA B 298 26.78 -1.83 -7.30
N THR B 299 26.12 -2.15 -6.18
CA THR B 299 25.71 -1.18 -5.16
C THR B 299 26.95 -0.47 -4.61
N ALA B 300 28.01 -1.23 -4.31
CA ALA B 300 29.24 -0.72 -3.69
C ALA B 300 29.80 0.38 -4.59
N GLU B 301 29.75 0.19 -5.91
CA GLU B 301 30.24 1.15 -6.93
C GLU B 301 29.37 2.40 -6.94
N LYS B 302 28.05 2.28 -6.79
CA LYS B 302 27.13 3.47 -6.76
C LYS B 302 27.38 4.27 -5.47
N ILE B 303 27.77 3.59 -4.39
CA ILE B 303 28.09 4.23 -3.09
C ILE B 303 29.44 4.95 -3.21
N ASP B 304 30.45 4.30 -3.80
CA ASP B 304 31.76 4.95 -4.08
C ASP B 304 31.52 6.24 -4.89
N HIS B 305 30.74 6.17 -5.97
CA HIS B 305 30.52 7.34 -6.86
C HIS B 305 29.81 8.45 -6.06
N ALA B 306 28.83 8.11 -5.23
CA ALA B 306 28.09 9.09 -4.42
C ALA B 306 29.05 9.74 -3.40
N MET B 307 30.05 8.99 -2.92
CA MET B 307 31.00 9.47 -1.88
C MET B 307 31.98 10.44 -2.55
N LYS B 308 32.32 10.17 -3.83
CA LYS B 308 33.23 11.04 -4.64
C LYS B 308 32.49 12.38 -4.90
N HIS B 309 31.25 12.33 -5.40
CA HIS B 309 30.34 13.49 -5.67
C HIS B 309 30.34 14.40 -4.44
N ALA B 310 30.27 13.82 -3.24
CA ALA B 310 30.13 14.55 -1.97
C ALA B 310 31.49 14.99 -1.46
N GLY B 311 32.58 14.55 -2.12
CA GLY B 311 33.97 14.94 -1.83
C GLY B 311 34.57 14.21 -0.65
N LEU B 312 34.02 13.05 -0.26
CA LEU B 312 34.51 12.31 0.94
C LEU B 312 35.71 11.44 0.59
N ILE B 313 35.87 11.05 -0.67
CA ILE B 313 37.04 10.26 -1.18
C ILE B 313 37.46 10.82 -2.54
N ASN B 314 38.73 10.64 -2.91
CA ASN B 314 39.30 11.09 -4.20
C ASN B 314 39.02 10.04 -5.28
N SER C 21 9.05 30.25 -16.53
CA SER C 21 9.45 31.51 -15.76
C SER C 21 8.19 32.18 -15.23
N MET C 22 7.18 32.34 -16.11
CA MET C 22 5.79 32.74 -15.77
C MET C 22 5.10 31.64 -14.95
N LEU C 23 5.61 30.41 -14.95
CA LEU C 23 5.07 29.31 -14.12
C LEU C 23 5.81 29.29 -12.77
N LYS C 24 5.31 30.07 -11.81
CA LYS C 24 5.85 30.23 -10.44
C LYS C 24 4.67 30.51 -9.51
N GLY C 25 4.80 30.18 -8.24
CA GLY C 25 3.94 30.73 -7.19
C GLY C 25 2.63 29.96 -7.09
N SER C 26 1.59 30.63 -6.61
CA SER C 26 0.27 30.05 -6.32
C SER C 26 -0.53 30.03 -7.62
N ILE C 27 -0.78 28.83 -8.15
CA ILE C 27 -1.51 28.61 -9.42
C ILE C 27 -2.78 27.86 -9.07
N THR C 28 -3.96 28.44 -9.29
CA THR C 28 -5.22 27.84 -8.80
C THR C 28 -5.69 26.77 -9.77
N ALA C 29 -5.91 25.57 -9.23
CA ALA C 29 -6.62 24.44 -9.88
C ALA C 29 -8.11 24.75 -9.73
N LEU C 30 -8.68 25.46 -10.70
CA LEU C 30 -10.03 26.08 -10.60
C LEU C 30 -11.11 24.98 -10.49
N VAL C 31 -12.02 25.14 -9.53
CA VAL C 31 -13.33 24.46 -9.56
C VAL C 31 -14.09 24.96 -10.81
N THR C 32 -14.95 24.11 -11.37
CA THR C 32 -15.96 24.43 -12.40
C THR C 32 -17.32 24.56 -11.72
N PRO C 33 -17.83 25.80 -11.51
CA PRO C 33 -19.11 25.99 -10.83
C PRO C 33 -20.29 25.53 -11.71
N PHE C 34 -21.26 24.90 -11.07
CA PHE C 34 -22.57 24.49 -11.66
C PHE C 34 -23.67 25.25 -10.94
N ASP C 35 -24.76 25.50 -11.65
CA ASP C 35 -25.97 26.18 -11.10
C ASP C 35 -26.83 25.12 -10.40
N ARG C 36 -27.99 25.53 -9.88
CA ARG C 36 -28.95 24.66 -9.14
C ARG C 36 -29.40 23.48 -10.03
N GLU C 37 -29.22 23.54 -11.37
CA GLU C 37 -29.57 22.42 -12.30
C GLU C 37 -28.34 21.66 -12.80
N GLY C 38 -27.12 22.00 -12.36
CA GLY C 38 -25.92 21.28 -12.81
C GLY C 38 -25.36 21.80 -14.13
N ALA C 39 -25.91 22.87 -14.72
CA ALA C 39 -25.30 23.53 -15.91
C ALA C 39 -24.07 24.34 -15.46
N PHE C 40 -23.11 24.49 -16.36
CA PHE C 40 -21.95 25.40 -16.19
C PHE C 40 -22.44 26.78 -15.76
N ASP C 41 -22.00 27.25 -14.59
CA ASP C 41 -22.39 28.60 -14.08
C ASP C 41 -21.31 29.56 -14.54
N GLU C 42 -21.41 29.99 -15.80
CA GLU C 42 -20.41 30.84 -16.46
C GLU C 42 -20.35 32.17 -15.70
N LYS C 43 -21.47 32.69 -15.22
CA LYS C 43 -21.49 34.00 -14.50
C LYS C 43 -20.64 33.90 -13.24
N ALA C 44 -20.86 32.91 -12.39
CA ALA C 44 -20.08 32.73 -11.14
C ALA C 44 -18.59 32.52 -11.49
N PHE C 45 -18.32 31.80 -12.58
CA PHE C 45 -16.94 31.40 -12.96
C PHE C 45 -16.15 32.64 -13.38
N ARG C 46 -16.76 33.50 -14.20
CA ARG C 46 -16.16 34.78 -14.66
C ARG C 46 -15.79 35.65 -13.45
N ALA C 47 -16.72 35.84 -12.50
CA ALA C 47 -16.49 36.66 -11.29
C ALA C 47 -15.38 36.02 -10.43
N PHE C 48 -15.35 34.69 -10.40
CA PHE C 48 -14.43 33.90 -9.54
C PHE C 48 -13.01 34.04 -10.11
N VAL C 49 -12.87 33.84 -11.42
CA VAL C 49 -11.55 33.90 -12.08
C VAL C 49 -10.97 35.31 -11.88
N ASN C 50 -11.84 36.32 -11.92
CA ASN C 50 -11.43 37.72 -11.81
C ASN C 50 -10.98 37.98 -10.37
N TRP C 51 -11.77 37.51 -9.41
CA TRP C 51 -11.44 37.62 -7.96
C TRP C 51 -10.07 36.98 -7.70
N GLN C 52 -9.85 35.77 -8.25
CA GLN C 52 -8.59 35.01 -8.08
C GLN C 52 -7.40 35.89 -8.47
N ILE C 53 -7.49 36.53 -9.65
CA ILE C 53 -6.38 37.36 -10.19
C ILE C 53 -6.20 38.59 -9.30
N GLU C 54 -7.29 39.25 -8.91
CA GLU C 54 -7.30 40.46 -8.03
C GLU C 54 -6.61 40.09 -6.70
N GLU C 55 -6.75 38.84 -6.23
CA GLU C 55 -6.22 38.41 -4.91
C GLU C 55 -4.75 37.99 -5.02
N GLY C 56 -4.20 37.89 -6.23
CA GLY C 56 -2.74 37.70 -6.44
C GLY C 56 -2.37 36.31 -6.95
N THR C 57 -3.35 35.52 -7.40
CA THR C 57 -3.11 34.19 -8.02
C THR C 57 -2.21 34.39 -9.25
N LYS C 58 -1.18 33.56 -9.41
CA LYS C 58 -0.09 33.78 -10.38
C LYS C 58 -0.35 33.03 -11.68
N GLY C 59 -1.34 32.14 -11.69
CA GLY C 59 -1.66 31.32 -12.85
C GLY C 59 -2.97 30.59 -12.61
N LEU C 60 -3.59 30.11 -13.68
CA LEU C 60 -4.90 29.42 -13.61
C LEU C 60 -4.84 28.09 -14.37
N VAL C 61 -5.35 27.01 -13.77
CA VAL C 61 -5.58 25.70 -14.44
C VAL C 61 -7.08 25.46 -14.50
N PRO C 62 -7.70 25.74 -15.67
CA PRO C 62 -9.06 25.30 -15.93
C PRO C 62 -9.10 23.81 -16.31
N VAL C 63 -10.23 23.17 -16.01
CA VAL C 63 -10.60 21.77 -16.40
C VAL C 63 -9.46 20.79 -16.02
N GLY C 64 -8.90 20.93 -14.82
CA GLY C 64 -8.03 19.95 -14.18
C GLY C 64 -8.83 19.03 -13.25
N THR C 65 -8.14 18.38 -12.32
CA THR C 65 -8.72 17.37 -11.40
C THR C 65 -9.82 18.05 -10.56
N THR C 66 -9.58 19.26 -10.11
CA THR C 66 -10.46 19.99 -9.17
C THR C 66 -11.63 20.61 -9.95
N GLY C 67 -11.53 20.66 -11.27
CA GLY C 67 -12.53 21.23 -12.18
C GLY C 67 -13.57 20.24 -12.67
N GLU C 68 -13.51 18.99 -12.19
CA GLU C 68 -14.50 17.93 -12.51
C GLU C 68 -14.56 17.75 -14.03
N THR C 69 -13.40 17.76 -14.67
CA THR C 69 -13.26 17.49 -16.13
C THR C 69 -14.00 16.23 -16.53
N PRO C 70 -13.98 15.12 -15.75
CA PRO C 70 -14.67 13.90 -16.18
C PRO C 70 -16.15 14.06 -16.50
N THR C 71 -16.82 15.00 -15.85
CA THR C 71 -18.29 15.17 -15.94
C THR C 71 -18.60 16.34 -16.86
N LEU C 72 -17.60 17.01 -17.45
CA LEU C 72 -17.85 18.08 -18.47
C LEU C 72 -18.04 17.42 -19.83
N SER C 73 -19.02 17.84 -20.61
CA SER C 73 -19.16 17.47 -22.03
C SER C 73 -17.97 18.06 -22.80
N HIS C 74 -17.72 17.61 -24.03
CA HIS C 74 -16.69 18.17 -24.95
C HIS C 74 -16.89 19.68 -25.08
N ASP C 75 -18.14 20.14 -25.22
CA ASP C 75 -18.47 21.59 -25.46
C ASP C 75 -18.25 22.39 -24.17
N GLU C 76 -18.59 21.80 -23.02
CA GLU C 76 -18.41 22.49 -21.72
C GLU C 76 -16.91 22.61 -21.46
N HIS C 77 -16.16 21.56 -21.79
CA HIS C 77 -14.69 21.52 -21.62
C HIS C 77 -14.08 22.68 -22.40
N LYS C 78 -14.46 22.85 -23.67
CA LYS C 78 -13.98 23.95 -24.57
C LYS C 78 -14.36 25.31 -23.97
N ARG C 79 -15.57 25.43 -23.45
CA ARG C 79 -16.14 26.70 -22.96
C ARG C 79 -15.41 27.15 -21.70
N VAL C 80 -15.14 26.24 -20.77
CA VAL C 80 -14.46 26.64 -19.49
C VAL C 80 -13.06 27.19 -19.83
N ILE C 81 -12.35 26.56 -20.75
CA ILE C 81 -11.00 27.04 -21.21
C ILE C 81 -11.19 28.41 -21.86
N GLU C 82 -12.13 28.56 -22.78
CA GLU C 82 -12.30 29.84 -23.54
C GLU C 82 -12.58 30.97 -22.58
N VAL C 83 -13.53 30.75 -21.66
CA VAL C 83 -13.95 31.79 -20.68
C VAL C 83 -12.75 32.10 -19.80
N CYS C 84 -12.04 31.06 -19.33
CA CYS C 84 -10.85 31.27 -18.45
C CYS C 84 -9.87 32.22 -19.16
N ILE C 85 -9.56 31.94 -20.43
CA ILE C 85 -8.57 32.71 -21.23
C ILE C 85 -9.10 34.13 -21.42
N GLU C 86 -10.38 34.27 -21.75
CA GLU C 86 -11.01 35.58 -22.04
C GLU C 86 -10.94 36.48 -20.81
N VAL C 87 -11.29 35.96 -19.63
CA VAL C 87 -11.32 36.78 -18.38
C VAL C 87 -9.89 37.11 -17.95
N ALA C 88 -8.97 36.15 -18.09
CA ALA C 88 -7.54 36.30 -17.71
C ALA C 88 -6.97 37.51 -18.42
N ALA C 89 -7.27 37.64 -19.73
CA ALA C 89 -6.89 38.80 -20.56
C ALA C 89 -5.38 39.02 -20.48
N GLY C 90 -4.57 37.94 -20.53
CA GLY C 90 -3.11 37.98 -20.55
C GLY C 90 -2.52 38.43 -19.21
N ARG C 91 -3.34 38.62 -18.16
CA ARG C 91 -2.83 39.14 -16.86
C ARG C 91 -2.01 38.05 -16.17
N VAL C 92 -2.41 36.80 -16.30
CA VAL C 92 -1.66 35.64 -15.71
C VAL C 92 -1.67 34.52 -16.74
N PRO C 93 -0.72 33.56 -16.69
CA PRO C 93 -0.80 32.38 -17.55
C PRO C 93 -2.02 31.49 -17.25
N VAL C 94 -2.55 30.92 -18.31
CA VAL C 94 -3.60 29.85 -18.29
C VAL C 94 -2.93 28.55 -18.72
N ILE C 95 -2.89 27.59 -17.82
CA ILE C 95 -2.31 26.24 -18.09
C ILE C 95 -3.51 25.33 -18.19
N ALA C 96 -3.98 25.09 -19.39
CA ALA C 96 -5.22 24.32 -19.63
C ALA C 96 -4.96 22.85 -19.28
N GLY C 97 -5.81 22.25 -18.45
CA GLY C 97 -5.90 20.78 -18.34
C GLY C 97 -6.21 20.19 -19.69
N ALA C 98 -5.44 19.19 -20.14
CA ALA C 98 -5.55 18.56 -21.48
C ALA C 98 -5.20 17.05 -21.34
N GLY C 99 -5.71 16.42 -20.29
CA GLY C 99 -5.40 15.03 -19.95
C GLY C 99 -6.39 14.05 -20.57
N SER C 100 -5.89 12.92 -21.02
CA SER C 100 -6.64 11.71 -21.40
C SER C 100 -5.77 10.48 -21.19
N ASN C 101 -6.38 9.32 -21.03
CA ASN C 101 -5.64 8.04 -20.97
C ASN C 101 -5.47 7.50 -22.40
N ASN C 102 -5.96 8.25 -23.40
CA ASN C 102 -5.84 7.97 -24.86
C ASN C 102 -4.91 9.03 -25.48
N THR C 103 -3.76 8.62 -26.02
CA THR C 103 -2.72 9.55 -26.57
C THR C 103 -3.31 10.42 -27.68
N VAL C 104 -4.07 9.84 -28.61
CA VAL C 104 -4.74 10.60 -29.72
C VAL C 104 -5.68 11.63 -29.11
N GLU C 105 -6.42 11.28 -28.06
CA GLU C 105 -7.40 12.22 -27.45
C GLU C 105 -6.61 13.36 -26.79
N ALA C 106 -5.50 13.05 -26.11
CA ALA C 106 -4.70 14.07 -25.39
C ALA C 106 -4.05 15.03 -26.38
N ILE C 107 -3.59 14.53 -27.53
CA ILE C 107 -3.10 15.36 -28.68
C ILE C 107 -4.17 16.38 -29.05
N GLU C 108 -5.37 15.89 -29.36
CA GLU C 108 -6.51 16.75 -29.80
C GLU C 108 -6.80 17.79 -28.72
N LEU C 109 -6.82 17.41 -27.44
CA LEU C 109 -7.15 18.37 -26.36
C LEU C 109 -6.03 19.42 -26.25
N ALA C 110 -4.77 19.02 -26.38
CA ALA C 110 -3.62 19.93 -26.22
C ALA C 110 -3.61 20.91 -27.39
N GLN C 111 -3.86 20.43 -28.61
CA GLN C 111 -3.87 21.29 -29.83
C GLN C 111 -5.01 22.29 -29.71
N HIS C 112 -6.17 21.85 -29.23
CA HIS C 112 -7.35 22.73 -29.08
C HIS C 112 -7.03 23.79 -28.02
N ALA C 113 -6.38 23.42 -26.92
CA ALA C 113 -5.98 24.37 -25.85
C ALA C 113 -5.05 25.47 -26.43
N GLU C 114 -4.09 25.07 -27.26
CA GLU C 114 -3.14 25.99 -27.93
C GLU C 114 -3.91 26.95 -28.89
N LYS C 115 -4.74 26.39 -29.77
CA LYS C 115 -5.56 27.16 -30.75
C LYS C 115 -6.43 28.17 -29.98
N ALA C 116 -6.94 27.83 -28.79
CA ALA C 116 -7.84 28.68 -27.98
C ALA C 116 -7.03 29.80 -27.29
N GLY C 117 -5.71 29.68 -27.23
CA GLY C 117 -4.82 30.74 -26.71
C GLY C 117 -4.26 30.44 -25.33
N ALA C 118 -4.22 29.17 -24.93
CA ALA C 118 -3.63 28.74 -23.64
C ALA C 118 -2.12 29.03 -23.68
N ASP C 119 -1.54 29.32 -22.52
CA ASP C 119 -0.10 29.69 -22.39
C ASP C 119 0.73 28.41 -22.31
N ALA C 120 0.10 27.33 -21.86
CA ALA C 120 0.72 26.01 -21.61
C ALA C 120 -0.38 24.98 -21.32
N VAL C 121 -0.04 23.70 -21.28
CA VAL C 121 -1.02 22.63 -20.99
C VAL C 121 -0.49 21.77 -19.85
N LEU C 122 -1.42 21.23 -19.06
CA LEU C 122 -1.16 20.27 -17.96
C LEU C 122 -1.70 18.92 -18.42
N VAL C 123 -0.84 17.92 -18.50
CA VAL C 123 -1.21 16.62 -19.11
C VAL C 123 -0.88 15.53 -18.09
N VAL C 124 -1.93 14.93 -17.54
CA VAL C 124 -1.88 13.87 -16.50
C VAL C 124 -1.30 12.59 -17.13
N THR C 125 -0.66 11.79 -16.31
CA THR C 125 -0.34 10.39 -16.62
C THR C 125 -1.65 9.69 -16.97
N PRO C 126 -1.72 8.89 -18.06
CA PRO C 126 -2.88 8.04 -18.31
C PRO C 126 -3.34 7.29 -17.05
N TYR C 127 -4.62 7.44 -16.73
CA TYR C 127 -5.36 6.78 -15.60
C TYR C 127 -6.06 5.54 -16.16
N TYR C 128 -6.40 4.63 -15.29
CA TYR C 128 -7.17 3.39 -15.52
C TYR C 128 -6.36 2.33 -16.30
N ASN C 129 -5.78 2.66 -17.46
CA ASN C 129 -5.21 1.62 -18.37
C ASN C 129 -3.79 1.20 -17.95
N LYS C 130 -3.17 1.92 -17.00
CA LYS C 130 -1.90 1.56 -16.31
C LYS C 130 -0.80 1.17 -17.30
N PRO C 131 -0.35 2.11 -18.17
CA PRO C 131 0.83 1.84 -19.00
C PRO C 131 2.13 1.75 -18.22
N ASN C 132 3.15 1.12 -18.82
CA ASN C 132 4.53 1.03 -18.24
C ASN C 132 5.27 2.32 -18.61
N GLN C 133 6.56 2.41 -18.30
CA GLN C 133 7.37 3.64 -18.50
C GLN C 133 7.51 3.91 -19.99
N ARG C 134 7.69 2.89 -20.85
CA ARG C 134 7.77 3.08 -22.32
C ARG C 134 6.47 3.75 -22.81
N GLY C 135 5.32 3.28 -22.34
CA GLY C 135 4.02 3.83 -22.74
C GLY C 135 3.87 5.27 -22.32
N LEU C 136 4.32 5.60 -21.12
CA LEU C 136 4.34 7.00 -20.64
C LEU C 136 5.23 7.83 -21.54
N TYR C 137 6.43 7.34 -21.83
CA TYR C 137 7.41 8.07 -22.69
C TYR C 137 6.73 8.38 -24.04
N GLU C 138 6.12 7.36 -24.65
CA GLU C 138 5.44 7.50 -25.96
C GLU C 138 4.30 8.52 -25.84
N HIS C 139 3.48 8.38 -24.81
CA HIS C 139 2.30 9.26 -24.60
C HIS C 139 2.76 10.71 -24.58
N PHE C 140 3.72 11.04 -23.70
CA PHE C 140 4.14 12.44 -23.45
C PHE C 140 4.94 13.01 -24.64
N SER C 141 5.79 12.21 -25.29
CA SER C 141 6.61 12.67 -26.44
C SER C 141 5.68 12.99 -27.62
N ARG C 142 4.73 12.11 -27.95
CA ARG C 142 3.73 12.39 -29.01
C ARG C 142 2.85 13.60 -28.65
N VAL C 143 2.40 13.77 -27.41
CA VAL C 143 1.50 14.91 -27.08
C VAL C 143 2.28 16.23 -27.24
N VAL C 144 3.48 16.33 -26.68
CA VAL C 144 4.27 17.59 -26.69
C VAL C 144 4.71 17.90 -28.12
N ARG C 145 5.04 16.92 -28.96
CA ARG C 145 5.48 17.14 -30.36
C ARG C 145 4.30 17.58 -31.25
N SER C 146 3.05 17.39 -30.81
CA SER C 146 1.82 17.79 -31.53
C SER C 146 1.58 19.30 -31.37
N ILE C 147 2.34 19.97 -30.49
CA ILE C 147 2.06 21.39 -30.12
C ILE C 147 3.36 22.16 -30.08
N SER C 148 3.25 23.47 -29.86
CA SER C 148 4.39 24.40 -29.85
C SER C 148 4.40 25.22 -28.56
N ILE C 149 3.51 24.94 -27.59
CA ILE C 149 3.47 25.66 -26.28
C ILE C 149 3.96 24.73 -25.19
N PRO C 150 4.38 25.25 -24.02
CA PRO C 150 4.94 24.38 -22.99
C PRO C 150 3.94 23.35 -22.45
N LEU C 151 4.48 22.18 -22.09
CA LEU C 151 3.72 21.08 -21.44
C LEU C 151 4.29 20.86 -20.03
N VAL C 152 3.39 20.72 -19.07
CA VAL C 152 3.70 20.30 -17.68
C VAL C 152 3.12 18.89 -17.50
N ILE C 153 3.99 17.94 -17.17
CA ILE C 153 3.65 16.56 -16.75
C ILE C 153 2.93 16.65 -15.40
N TYR C 154 1.86 15.91 -15.25
CA TYR C 154 1.09 15.85 -14.00
C TYR C 154 1.18 14.41 -13.51
N ASN C 155 2.05 14.19 -12.54
CA ASN C 155 2.33 12.84 -11.97
C ASN C 155 1.49 12.67 -10.70
N ILE C 156 0.48 11.80 -10.73
CA ILE C 156 -0.49 11.61 -9.63
C ILE C 156 -0.83 10.13 -9.52
N PRO C 157 0.04 9.33 -8.84
CA PRO C 157 -0.22 7.92 -8.62
C PRO C 157 -1.51 7.67 -7.84
N GLY C 158 -1.92 8.63 -7.00
CA GLY C 158 -3.11 8.54 -6.15
C GLY C 158 -4.39 8.57 -6.95
N ARG C 159 -4.34 8.89 -8.25
CA ARG C 159 -5.51 8.84 -9.17
C ARG C 159 -5.24 7.98 -10.41
N SER C 160 -4.01 7.91 -10.93
CA SER C 160 -3.67 7.12 -12.16
C SER C 160 -2.99 5.78 -11.83
N ILE C 161 -2.60 5.57 -10.57
CA ILE C 161 -2.01 4.34 -9.96
C ILE C 161 -0.55 4.15 -10.38
N ILE C 162 -0.24 4.28 -11.67
CA ILE C 162 1.15 4.20 -12.18
C ILE C 162 1.85 5.53 -11.87
N ASP C 163 3.17 5.56 -12.01
CA ASP C 163 4.05 6.65 -11.46
C ASP C 163 5.19 6.83 -12.46
N MET C 164 5.28 8.01 -13.06
CA MET C 164 6.42 8.35 -13.93
C MET C 164 7.64 8.52 -13.03
N THR C 165 8.65 7.69 -13.24
CA THR C 165 9.91 7.74 -12.45
C THR C 165 10.68 8.99 -12.81
N PRO C 166 11.56 9.46 -11.92
CA PRO C 166 12.44 10.58 -12.26
C PRO C 166 13.23 10.28 -13.54
N GLU C 167 13.62 9.02 -13.74
CA GLU C 167 14.45 8.55 -14.88
C GLU C 167 13.65 8.77 -16.15
N THR C 168 12.41 8.29 -16.21
CA THR C 168 11.53 8.43 -17.40
C THR C 168 11.28 9.92 -17.63
N MET C 169 11.03 10.69 -16.59
CA MET C 169 10.79 12.16 -16.68
C MET C 169 12.03 12.84 -17.27
N GLY C 170 13.23 12.44 -16.80
CA GLY C 170 14.53 12.92 -17.33
C GLY C 170 14.69 12.64 -18.83
N ALA C 171 14.38 11.42 -19.27
CA ALA C 171 14.40 11.03 -20.70
C ALA C 171 13.52 11.96 -21.51
N LEU C 172 12.33 12.31 -21.01
CA LEU C 172 11.35 13.16 -21.72
C LEU C 172 11.87 14.60 -21.81
N VAL C 173 12.44 15.14 -20.74
CA VAL C 173 12.96 16.53 -20.74
C VAL C 173 14.19 16.59 -21.66
N ARG C 174 15.05 15.59 -21.57
CA ARG C 174 16.26 15.45 -22.42
C ARG C 174 15.87 15.45 -23.90
N ASP C 175 14.81 14.74 -24.27
CA ASP C 175 14.42 14.52 -25.70
C ASP C 175 13.39 15.55 -26.20
N CYS C 176 12.63 16.21 -25.32
CA CYS C 176 11.50 17.09 -25.74
C CYS C 176 11.62 18.48 -25.08
N LYS C 177 11.94 19.50 -25.87
CA LYS C 177 12.31 20.86 -25.38
C LYS C 177 11.16 21.47 -24.56
N ASN C 178 9.94 21.34 -25.08
CA ASN C 178 8.70 22.00 -24.59
C ASN C 178 8.12 21.27 -23.38
N ILE C 179 8.75 20.20 -22.90
CA ILE C 179 8.38 19.65 -21.57
C ILE C 179 9.19 20.42 -20.54
N VAL C 180 8.54 21.32 -19.81
CA VAL C 180 9.24 22.38 -19.06
C VAL C 180 9.10 22.12 -17.56
N GLY C 181 8.22 21.25 -17.10
CA GLY C 181 8.03 21.07 -15.67
C GLY C 181 7.03 20.00 -15.32
N VAL C 182 6.72 19.90 -14.03
CA VAL C 182 5.87 18.83 -13.45
C VAL C 182 4.96 19.45 -12.39
N LYS C 183 3.70 19.05 -12.43
CA LYS C 183 2.82 19.06 -11.24
C LYS C 183 3.03 17.75 -10.50
N ASP C 184 3.76 17.79 -9.39
CA ASP C 184 4.18 16.56 -8.66
C ASP C 184 3.22 16.30 -7.49
N ALA C 185 2.26 15.40 -7.70
CA ALA C 185 1.24 14.98 -6.69
C ALA C 185 1.61 13.61 -6.11
N THR C 186 2.88 13.24 -6.03
CA THR C 186 3.33 11.97 -5.42
C THR C 186 3.23 12.07 -3.90
N GLY C 187 3.35 13.27 -3.33
CA GLY C 187 3.46 13.40 -1.87
C GLY C 187 4.79 12.87 -1.34
N LYS C 188 5.75 12.56 -2.21
CA LYS C 188 7.07 12.03 -1.80
C LYS C 188 8.11 13.10 -2.12
N ILE C 189 8.50 13.87 -1.11
CA ILE C 189 9.29 15.13 -1.24
C ILE C 189 10.68 14.85 -1.79
N GLU C 190 11.25 13.66 -1.51
CA GLU C 190 12.54 13.22 -2.07
C GLU C 190 12.48 13.20 -3.61
N ARG C 191 11.29 13.07 -4.21
CA ARG C 191 11.16 13.16 -5.69
C ARG C 191 11.57 14.54 -6.19
N VAL C 192 11.32 15.60 -5.43
CA VAL C 192 11.71 16.96 -5.86
C VAL C 192 13.22 16.98 -6.06
N SER C 193 13.98 16.39 -5.13
CA SER C 193 15.47 16.32 -5.17
C SER C 193 15.93 15.46 -6.36
N GLU C 194 15.24 14.34 -6.61
CA GLU C 194 15.61 13.38 -7.68
C GLU C 194 15.28 13.99 -9.03
N GLN C 195 14.15 14.68 -9.13
CA GLN C 195 13.71 15.35 -10.37
C GLN C 195 14.68 16.52 -10.64
N ARG C 196 15.15 17.20 -9.61
CA ARG C 196 16.09 18.35 -9.72
C ARG C 196 17.44 17.80 -10.23
N ALA C 197 17.89 16.66 -9.72
CA ALA C 197 19.17 16.05 -10.12
C ALA C 197 19.10 15.60 -11.58
N ILE C 198 18.00 14.96 -11.98
CA ILE C 198 17.91 14.28 -13.29
C ILE C 198 17.30 15.21 -14.35
N CYS C 199 16.31 16.01 -13.99
CA CYS C 199 15.61 16.91 -14.93
C CYS C 199 16.30 18.29 -14.91
N GLY C 200 17.02 18.61 -13.84
CA GLY C 200 17.84 19.81 -13.77
C GLY C 200 17.17 20.88 -12.94
N LYS C 201 17.97 21.89 -12.57
CA LYS C 201 17.51 23.06 -11.79
C LYS C 201 16.53 23.92 -12.56
N GLU C 202 16.54 23.93 -13.90
CA GLU C 202 15.65 24.81 -14.70
C GLU C 202 14.27 24.12 -14.85
N PHE C 203 14.19 22.82 -14.59
CA PHE C 203 12.92 22.06 -14.66
C PHE C 203 11.97 22.63 -13.62
N ILE C 204 10.78 23.05 -14.06
CA ILE C 204 9.82 23.80 -13.21
C ILE C 204 9.01 22.79 -12.40
N GLN C 205 9.22 22.76 -11.09
CA GLN C 205 8.55 21.78 -10.20
C GLN C 205 7.50 22.53 -9.38
N LEU C 206 6.25 22.12 -9.54
CA LEU C 206 5.09 22.71 -8.84
C LEU C 206 4.47 21.63 -7.97
N SER C 207 4.27 21.93 -6.70
CA SER C 207 3.64 20.97 -5.76
C SER C 207 2.25 20.63 -6.29
N GLY C 208 1.92 19.34 -6.35
CA GLY C 208 0.55 18.87 -6.60
C GLY C 208 -0.21 18.64 -5.31
N GLU C 209 0.34 18.97 -4.14
CA GLU C 209 -0.31 18.78 -2.81
C GLU C 209 -0.15 20.08 -2.00
N ASP C 210 -1.23 20.59 -1.43
CA ASP C 210 -1.25 21.87 -0.66
C ASP C 210 -0.47 21.70 0.64
N ALA C 211 -0.70 20.60 1.36
CA ALA C 211 -0.22 20.40 2.74
C ALA C 211 1.31 20.29 2.78
N THR C 212 1.97 19.89 1.68
CA THR C 212 3.44 19.71 1.65
C THR C 212 4.07 20.64 0.62
N ALA C 213 3.36 21.67 0.16
CA ALA C 213 3.89 22.75 -0.71
C ALA C 213 5.16 23.34 -0.11
N LEU C 214 5.19 23.49 1.21
CA LEU C 214 6.25 24.19 1.96
C LEU C 214 7.57 23.41 1.80
N GLY C 215 7.57 22.13 2.17
CA GLY C 215 8.75 21.27 2.06
C GLY C 215 9.12 21.07 0.61
N PHE C 216 8.12 20.89 -0.25
CA PHE C 216 8.29 20.82 -1.71
C PHE C 216 9.16 21.99 -2.19
N ASN C 217 8.85 23.23 -1.77
CA ASN C 217 9.60 24.43 -2.20
C ASN C 217 11.01 24.40 -1.61
N ALA C 218 11.18 23.97 -0.37
CA ALA C 218 12.52 23.85 0.25
C ALA C 218 13.42 22.94 -0.57
N HIS C 219 12.89 21.89 -1.18
CA HIS C 219 13.69 20.93 -2.00
C HIS C 219 13.93 21.45 -3.42
N GLY C 220 13.38 22.62 -3.79
CA GLY C 220 13.58 23.24 -5.11
C GLY C 220 12.30 23.49 -5.91
N GLY C 221 11.11 23.29 -5.35
CA GLY C 221 9.86 23.74 -5.99
C GLY C 221 9.82 25.25 -6.12
N VAL C 222 9.10 25.76 -7.10
CA VAL C 222 8.92 27.22 -7.38
C VAL C 222 7.41 27.54 -7.39
N GLY C 223 6.58 26.68 -6.81
CA GLY C 223 5.13 26.97 -6.69
C GLY C 223 4.30 25.73 -6.45
N CYS C 224 2.98 25.90 -6.57
CA CYS C 224 1.95 24.88 -6.23
C CYS C 224 0.78 25.12 -7.16
N ILE C 225 0.34 24.08 -7.85
CA ILE C 225 -0.99 24.03 -8.50
C ILE C 225 -1.95 23.53 -7.41
N SER C 226 -2.71 24.48 -6.88
CA SER C 226 -3.29 24.48 -5.50
C SER C 226 -4.82 24.29 -5.57
N VAL C 227 -5.35 23.55 -4.60
CA VAL C 227 -6.81 23.49 -4.34
C VAL C 227 -7.16 24.58 -3.34
N THR C 228 -6.39 24.69 -2.25
CA THR C 228 -6.67 25.66 -1.16
C THR C 228 -6.79 27.07 -1.72
N SER C 229 -6.06 27.42 -2.79
CA SER C 229 -5.99 28.79 -3.33
C SER C 229 -7.33 29.15 -3.99
N ASN C 230 -8.18 28.15 -4.23
CA ASN C 230 -9.58 28.39 -4.64
C ASN C 230 -10.27 29.20 -3.55
N ILE C 231 -9.93 28.92 -2.30
CA ILE C 231 -10.67 29.42 -1.11
C ILE C 231 -9.92 30.61 -0.50
N ALA C 232 -8.59 30.55 -0.40
CA ALA C 232 -7.74 31.58 0.23
C ALA C 232 -6.65 32.02 -0.76
N PRO C 233 -7.03 32.59 -1.92
CA PRO C 233 -6.04 32.89 -2.95
C PRO C 233 -4.96 33.83 -2.43
N ARG C 234 -5.33 34.81 -1.61
CA ARG C 234 -4.38 35.87 -1.18
C ARG C 234 -3.38 35.26 -0.20
N LEU C 235 -3.82 34.54 0.82
CA LEU C 235 -2.90 33.91 1.82
C LEU C 235 -2.00 32.91 1.09
N CYS C 236 -2.54 32.17 0.12
CA CYS C 236 -1.80 31.17 -0.67
C CYS C 236 -0.75 31.88 -1.53
N ALA C 237 -1.11 33.03 -2.12
CA ALA C 237 -0.19 33.85 -2.95
C ALA C 237 0.97 34.35 -2.07
N GLU C 238 0.69 34.83 -0.85
CA GLU C 238 1.72 35.33 0.11
C GLU C 238 2.65 34.21 0.57
N PHE C 239 2.07 33.05 0.87
CA PHE C 239 2.80 31.83 1.29
C PHE C 239 3.81 31.48 0.21
N GLN C 240 3.35 31.46 -1.05
CA GLN C 240 4.21 31.07 -2.19
C GLN C 240 5.28 32.16 -2.36
N GLU C 241 4.89 33.44 -2.31
CA GLU C 241 5.83 34.59 -2.43
C GLU C 241 6.94 34.47 -1.39
N ALA C 242 6.57 34.27 -0.13
CA ALA C 242 7.49 34.03 1.00
C ALA C 242 8.49 32.90 0.66
N CYS C 243 8.04 31.75 0.18
CA CYS C 243 8.93 30.62 -0.22
C CYS C 243 9.87 31.10 -1.34
N GLN C 244 9.35 31.76 -2.37
CA GLN C 244 10.19 32.12 -3.54
C GLN C 244 11.19 33.25 -3.16
N ALA C 245 10.88 34.04 -2.12
CA ALA C 245 11.80 35.08 -1.59
C ALA C 245 12.84 34.45 -0.66
N GLY C 246 12.62 33.22 -0.20
CA GLY C 246 13.52 32.55 0.75
C GLY C 246 13.14 32.86 2.19
N ASN C 247 11.99 33.50 2.44
CA ASN C 247 11.49 33.79 3.81
C ASN C 247 10.66 32.59 4.28
N PHE C 248 11.34 31.51 4.66
CA PHE C 248 10.73 30.24 5.11
C PHE C 248 10.11 30.40 6.49
N ALA C 249 10.64 31.28 7.36
CA ALA C 249 10.03 31.63 8.66
C ALA C 249 8.61 32.20 8.45
N LYS C 250 8.43 33.11 7.50
CA LYS C 250 7.10 33.68 7.15
C LYS C 250 6.23 32.60 6.53
N ALA C 251 6.76 31.81 5.61
CA ALA C 251 6.03 30.69 4.98
C ALA C 251 5.48 29.76 6.06
N LEU C 252 6.27 29.43 7.08
CA LEU C 252 5.88 28.53 8.20
C LEU C 252 4.75 29.16 9.04
N GLU C 253 4.82 30.47 9.31
CA GLU C 253 3.74 31.24 10.00
C GLU C 253 2.44 31.08 9.18
N LEU C 254 2.52 31.14 7.86
CA LEU C 254 1.37 31.05 6.93
C LEU C 254 0.87 29.59 6.87
N GLN C 255 1.78 28.61 6.89
CA GLN C 255 1.44 27.19 7.08
C GLN C 255 0.62 26.99 8.37
N ASP C 256 0.98 27.64 9.49
CA ASP C 256 0.23 27.47 10.77
C ASP C 256 -1.23 27.93 10.58
N ARG C 257 -1.43 28.96 9.78
CA ARG C 257 -2.74 29.57 9.43
C ARG C 257 -3.52 28.69 8.44
N LEU C 258 -2.87 28.07 7.47
CA LEU C 258 -3.54 27.43 6.30
C LEU C 258 -3.74 25.93 6.54
N MET C 259 -2.93 25.31 7.40
CA MET C 259 -2.86 23.82 7.47
C MET C 259 -4.22 23.25 7.87
N PRO C 260 -4.98 23.81 8.84
CA PRO C 260 -6.29 23.27 9.16
C PRO C 260 -7.22 23.27 7.93
N LEU C 261 -7.10 24.25 7.06
CA LEU C 261 -7.90 24.32 5.83
C LEU C 261 -7.35 23.35 4.79
N HIS C 262 -6.04 23.24 4.64
CA HIS C 262 -5.43 22.17 3.80
C HIS C 262 -6.04 20.82 4.19
N LYS C 263 -6.21 20.56 5.48
CA LYS C 263 -6.71 19.25 5.96
C LYS C 263 -8.23 19.18 5.76
N ALA C 264 -9.01 20.14 6.29
CA ALA C 264 -10.49 20.07 6.29
C ALA C 264 -11.00 19.97 4.85
N LEU C 265 -10.32 20.57 3.88
CA LEU C 265 -10.77 20.58 2.47
C LEU C 265 -10.74 19.18 1.87
N PHE C 266 -9.99 18.25 2.46
CA PHE C 266 -9.79 16.90 1.91
C PHE C 266 -10.36 15.81 2.82
N LEU C 267 -11.13 16.16 3.86
CA LEU C 267 -11.85 15.17 4.70
C LEU C 267 -12.78 14.35 3.80
N GLU C 268 -13.37 14.97 2.77
CA GLU C 268 -14.21 14.26 1.77
C GLU C 268 -13.59 14.47 0.41
N PRO C 269 -13.99 13.70 -0.60
CA PRO C 269 -13.34 13.71 -1.91
C PRO C 269 -13.41 15.06 -2.63
N ASN C 270 -12.25 15.52 -3.08
CA ASN C 270 -12.03 16.73 -3.91
C ASN C 270 -12.90 16.59 -5.15
N PRO C 271 -13.64 17.62 -5.61
CA PRO C 271 -13.71 18.95 -4.99
C PRO C 271 -14.96 19.26 -4.17
N SER C 272 -15.49 18.28 -3.45
CA SER C 272 -16.70 18.46 -2.62
C SER C 272 -16.39 19.47 -1.51
N GLY C 273 -15.23 19.36 -0.89
CA GLY C 273 -14.82 20.27 0.21
C GLY C 273 -14.67 21.70 -0.30
N PRO C 274 -13.80 21.91 -1.31
CA PRO C 274 -13.65 23.21 -1.94
C PRO C 274 -14.97 23.85 -2.40
N LYS C 275 -15.83 23.09 -3.07
CA LYS C 275 -17.12 23.65 -3.56
C LYS C 275 -17.99 24.10 -2.38
N TYR C 276 -18.03 23.33 -1.30
CA TYR C 276 -18.77 23.79 -0.11
C TYR C 276 -18.13 25.11 0.36
N ALA C 277 -16.82 25.13 0.50
CA ALA C 277 -16.08 26.29 1.05
C ALA C 277 -16.38 27.56 0.21
N LEU C 278 -16.37 27.43 -1.10
CA LEU C 278 -16.55 28.57 -2.02
C LEU C 278 -18.04 29.01 -1.98
N SER C 279 -18.96 28.09 -1.71
CA SER C 279 -20.40 28.41 -1.55
C SER C 279 -20.57 29.17 -0.25
N ARG C 280 -19.77 28.85 0.78
CA ARG C 280 -19.87 29.50 2.10
C ARG C 280 -19.37 30.96 1.97
N LEU C 281 -18.50 31.27 0.98
CA LEU C 281 -18.01 32.65 0.72
C LEU C 281 -19.01 33.41 -0.15
N GLY C 282 -20.08 32.72 -0.59
CA GLY C 282 -21.17 33.30 -1.37
C GLY C 282 -20.81 33.35 -2.85
N ARG C 283 -19.79 32.60 -3.31
CA ARG C 283 -19.20 32.82 -4.67
C ARG C 283 -19.69 31.77 -5.66
N ILE C 284 -20.21 30.62 -5.21
CA ILE C 284 -20.82 29.58 -6.10
C ILE C 284 -21.97 28.87 -5.35
N GLU C 285 -22.72 28.06 -6.08
CA GLU C 285 -23.70 27.08 -5.55
C GLU C 285 -22.94 25.81 -5.11
N ASN C 286 -23.38 25.16 -4.05
CA ASN C 286 -22.76 23.91 -3.53
C ASN C 286 -23.29 22.76 -4.35
N VAL C 287 -22.78 22.58 -5.57
CA VAL C 287 -23.38 21.60 -6.52
C VAL C 287 -22.24 20.89 -7.27
N LEU C 288 -22.31 19.55 -7.30
CA LEU C 288 -21.34 18.69 -8.00
C LEU C 288 -22.09 17.76 -8.94
N ARG C 289 -21.37 17.18 -9.89
CA ARG C 289 -21.92 16.15 -10.82
C ARG C 289 -21.53 14.76 -10.35
N SER C 290 -22.53 13.88 -10.26
CA SER C 290 -22.38 12.43 -10.01
C SER C 290 -21.22 11.89 -10.85
N PRO C 291 -20.32 11.05 -10.31
CA PRO C 291 -20.45 10.49 -8.95
C PRO C 291 -19.85 11.30 -7.78
N MET C 292 -19.44 12.55 -8.01
CA MET C 292 -19.07 13.47 -6.91
C MET C 292 -20.34 14.04 -6.26
N VAL C 293 -20.33 14.26 -4.95
CA VAL C 293 -21.55 14.58 -4.14
C VAL C 293 -21.17 15.62 -3.10
N THR C 294 -22.16 16.41 -2.65
CA THR C 294 -21.95 17.47 -1.63
C THR C 294 -21.52 16.80 -0.33
N ILE C 295 -20.80 17.52 0.50
CA ILE C 295 -20.21 16.97 1.75
C ILE C 295 -21.33 16.83 2.78
N GLU C 296 -21.09 16.03 3.81
CA GLU C 296 -21.96 15.94 5.02
C GLU C 296 -21.82 17.22 5.85
N ALA C 297 -22.82 17.49 6.70
CA ALA C 297 -22.87 18.63 7.63
C ALA C 297 -21.60 18.69 8.49
N ALA C 298 -21.16 17.54 9.04
CA ALA C 298 -20.04 17.46 10.01
C ALA C 298 -18.75 17.99 9.35
N THR C 299 -18.48 17.56 8.11
CA THR C 299 -17.36 18.06 7.29
C THR C 299 -17.51 19.57 7.09
N ALA C 300 -18.71 20.01 6.74
CA ALA C 300 -19.01 21.43 6.43
C ALA C 300 -18.59 22.29 7.63
N GLU C 301 -18.86 21.81 8.85
CA GLU C 301 -18.58 22.53 10.11
C GLU C 301 -17.06 22.57 10.34
N LYS C 302 -16.31 21.51 10.00
CA LYS C 302 -14.83 21.48 10.16
C LYS C 302 -14.21 22.44 9.15
N ILE C 303 -14.83 22.61 7.98
CA ILE C 303 -14.35 23.55 6.93
C ILE C 303 -14.65 24.98 7.38
N ASP C 304 -15.82 25.26 7.92
CA ASP C 304 -16.14 26.59 8.53
C ASP C 304 -15.10 26.93 9.59
N HIS C 305 -14.80 26.00 10.53
CA HIS C 305 -13.81 26.24 11.60
CA HIS C 305 -13.80 26.23 11.61
C HIS C 305 -12.43 26.54 11.00
N ALA C 306 -12.03 25.79 9.97
CA ALA C 306 -10.70 26.00 9.34
C ALA C 306 -10.66 27.37 8.64
N MET C 307 -11.81 27.83 8.13
CA MET C 307 -11.93 29.11 7.39
C MET C 307 -11.87 30.27 8.41
N LYS C 308 -12.38 30.06 9.62
CA LYS C 308 -12.34 31.04 10.74
C LYS C 308 -10.88 31.19 11.21
N HIS C 309 -10.21 30.07 11.49
CA HIS C 309 -8.77 29.98 11.85
C HIS C 309 -7.94 30.82 10.87
N ALA C 310 -8.25 30.75 9.58
CA ALA C 310 -7.48 31.43 8.51
C ALA C 310 -7.95 32.87 8.35
N GLY C 311 -9.04 33.27 9.02
CA GLY C 311 -9.59 34.65 9.00
C GLY C 311 -10.37 34.96 7.72
N LEU C 312 -10.96 33.95 7.08
CA LEU C 312 -11.74 34.16 5.83
C LEU C 312 -13.20 34.49 6.16
N ILE C 313 -13.71 34.12 7.33
CA ILE C 313 -15.12 34.38 7.76
C ILE C 313 -15.14 34.62 9.27
N ASN C 314 -16.18 35.28 9.81
CA ASN C 314 -16.39 35.39 11.28
C ASN C 314 -17.32 34.27 11.74
N SER D 21 -28.02 -18.13 -13.47
CA SER D 21 -28.81 -17.48 -14.52
C SER D 21 -28.21 -17.92 -15.87
N MET D 22 -27.95 -17.01 -16.82
CA MET D 22 -27.12 -17.18 -18.05
C MET D 22 -25.69 -16.73 -17.75
N LEU D 23 -25.47 -15.98 -16.65
CA LEU D 23 -24.14 -15.43 -16.30
C LEU D 23 -23.42 -16.42 -15.39
N LYS D 24 -22.75 -17.41 -15.97
CA LYS D 24 -21.98 -18.47 -15.24
C LYS D 24 -20.77 -18.84 -16.09
N GLY D 25 -19.74 -19.38 -15.46
CA GLY D 25 -18.70 -20.10 -16.20
C GLY D 25 -17.66 -19.15 -16.75
N SER D 26 -16.98 -19.57 -17.82
CA SER D 26 -15.85 -18.86 -18.43
C SER D 26 -16.42 -17.83 -19.39
N ILE D 27 -16.28 -16.56 -19.04
CA ILE D 27 -16.79 -15.42 -19.84
C ILE D 27 -15.57 -14.61 -20.29
N THR D 28 -15.32 -14.49 -21.58
CA THR D 28 -14.07 -13.87 -22.09
C THR D 28 -14.23 -12.35 -22.13
N ALA D 29 -13.31 -11.66 -21.45
CA ALA D 29 -13.03 -10.21 -21.57
C ALA D 29 -12.22 -10.01 -22.86
N LEU D 30 -12.93 -9.78 -23.96
CA LEU D 30 -12.40 -9.83 -25.34
C LEU D 30 -11.39 -8.70 -25.58
N VAL D 31 -10.26 -9.06 -26.14
CA VAL D 31 -9.34 -8.08 -26.79
C VAL D 31 -10.08 -7.52 -28.02
N THR D 32 -9.76 -6.26 -28.34
CA THR D 32 -10.15 -5.58 -29.61
C THR D 32 -8.95 -5.60 -30.56
N PRO D 33 -8.99 -6.45 -31.61
CA PRO D 33 -7.86 -6.55 -32.54
C PRO D 33 -7.79 -5.31 -33.44
N PHE D 34 -6.56 -4.86 -33.67
CA PHE D 34 -6.17 -3.81 -34.63
C PHE D 34 -5.31 -4.43 -35.72
N ASP D 35 -5.40 -3.86 -36.93
CA ASP D 35 -4.61 -4.29 -38.11
C ASP D 35 -3.23 -3.63 -38.03
N ARG D 36 -2.38 -3.87 -39.05
CA ARG D 36 -0.98 -3.38 -39.07
C ARG D 36 -0.97 -1.84 -39.08
N GLU D 37 -2.11 -1.19 -39.38
CA GLU D 37 -2.22 0.31 -39.34
C GLU D 37 -2.93 0.83 -38.07
N GLY D 38 -3.35 -0.02 -37.14
CA GLY D 38 -4.03 0.44 -35.90
C GLY D 38 -5.53 0.54 -36.02
N ALA D 39 -6.11 0.28 -37.19
CA ALA D 39 -7.60 0.28 -37.36
C ALA D 39 -8.22 -0.96 -36.73
N PHE D 40 -9.50 -0.86 -36.35
CA PHE D 40 -10.28 -2.05 -35.90
C PHE D 40 -10.20 -3.18 -36.95
N ASP D 41 -9.69 -4.35 -36.56
CA ASP D 41 -9.59 -5.52 -37.47
C ASP D 41 -10.89 -6.33 -37.34
N GLU D 42 -11.93 -5.91 -38.04
CA GLU D 42 -13.27 -6.51 -37.88
C GLU D 42 -13.21 -7.98 -38.29
N LYS D 43 -12.45 -8.29 -39.34
CA LYS D 43 -12.37 -9.67 -39.88
C LYS D 43 -11.78 -10.60 -38.81
N ALA D 44 -10.65 -10.24 -38.19
CA ALA D 44 -10.01 -11.08 -37.16
C ALA D 44 -10.96 -11.25 -35.97
N PHE D 45 -11.70 -10.19 -35.65
CA PHE D 45 -12.57 -10.16 -34.45
C PHE D 45 -13.74 -11.14 -34.64
N ARG D 46 -14.36 -11.11 -35.83
CA ARG D 46 -15.50 -12.00 -36.19
C ARG D 46 -15.07 -13.47 -36.03
N ALA D 47 -13.92 -13.83 -36.60
CA ALA D 47 -13.37 -15.20 -36.57
C ALA D 47 -13.05 -15.57 -35.11
N PHE D 48 -12.56 -14.60 -34.34
CA PHE D 48 -12.09 -14.80 -32.95
C PHE D 48 -13.31 -15.08 -32.06
N VAL D 49 -14.34 -14.28 -32.21
CA VAL D 49 -15.55 -14.42 -31.37
C VAL D 49 -16.19 -15.77 -31.67
N ASN D 50 -16.14 -16.20 -32.92
CA ASN D 50 -16.73 -17.49 -33.35
C ASN D 50 -15.91 -18.64 -32.78
N TRP D 51 -14.60 -18.52 -32.88
CA TRP D 51 -13.64 -19.50 -32.28
C TRP D 51 -13.93 -19.65 -30.78
N GLN D 52 -14.06 -18.53 -30.08
CA GLN D 52 -14.32 -18.51 -28.61
C GLN D 52 -15.52 -19.39 -28.30
N ILE D 53 -16.62 -19.19 -29.04
CA ILE D 53 -17.91 -19.90 -28.78
C ILE D 53 -17.73 -21.40 -29.10
N GLU D 54 -17.10 -21.74 -30.23
CA GLU D 54 -16.80 -23.12 -30.68
C GLU D 54 -16.01 -23.83 -29.58
N GLU D 55 -15.13 -23.10 -28.88
CA GLU D 55 -14.20 -23.70 -27.89
C GLU D 55 -14.88 -23.81 -26.52
N GLY D 56 -16.08 -23.24 -26.33
CA GLY D 56 -16.91 -23.48 -25.12
C GLY D 56 -17.02 -22.28 -24.18
N THR D 57 -16.61 -21.09 -24.63
CA THR D 57 -16.82 -19.81 -23.89
C THR D 57 -18.31 -19.61 -23.62
N LYS D 58 -18.71 -19.27 -22.39
CA LYS D 58 -20.13 -19.22 -21.94
C LYS D 58 -20.69 -17.81 -22.05
N GLY D 59 -19.85 -16.81 -22.28
CA GLY D 59 -20.28 -15.42 -22.42
C GLY D 59 -19.17 -14.56 -22.95
N LEU D 60 -19.53 -13.39 -23.46
CA LEU D 60 -18.55 -12.43 -24.03
C LEU D 60 -18.73 -11.04 -23.42
N VAL D 61 -17.61 -10.40 -23.05
CA VAL D 61 -17.54 -8.98 -22.63
C VAL D 61 -16.73 -8.22 -23.68
N PRO D 62 -17.40 -7.56 -24.64
CA PRO D 62 -16.74 -6.62 -25.52
C PRO D 62 -16.48 -5.29 -24.83
N VAL D 63 -15.42 -4.60 -25.28
CA VAL D 63 -15.00 -3.22 -24.88
C VAL D 63 -14.98 -3.10 -23.34
N GLY D 64 -14.35 -4.07 -22.66
CA GLY D 64 -13.95 -3.95 -21.24
C GLY D 64 -12.54 -3.44 -21.11
N THR D 65 -11.93 -3.64 -19.94
CA THR D 65 -10.52 -3.32 -19.58
C THR D 65 -9.60 -3.88 -20.67
N THR D 66 -9.81 -5.14 -21.05
CA THR D 66 -8.92 -5.93 -21.93
C THR D 66 -9.16 -5.56 -23.39
N GLY D 67 -10.25 -4.86 -23.67
CA GLY D 67 -10.66 -4.43 -25.03
C GLY D 67 -10.10 -3.06 -25.42
N GLU D 68 -9.33 -2.43 -24.54
CA GLU D 68 -8.69 -1.10 -24.76
C GLU D 68 -9.79 -0.10 -25.12
N THR D 69 -10.93 -0.15 -24.44
CA THR D 69 -12.02 0.85 -24.51
C THR D 69 -11.47 2.28 -24.49
N PRO D 70 -10.48 2.64 -23.63
CA PRO D 70 -10.03 4.02 -23.56
C PRO D 70 -9.52 4.62 -24.89
N THR D 71 -8.99 3.77 -25.79
CA THR D 71 -8.35 4.24 -27.03
C THR D 71 -9.30 3.99 -28.23
N LEU D 72 -10.51 3.48 -27.99
CA LEU D 72 -11.52 3.34 -29.07
C LEU D 72 -12.24 4.67 -29.26
N SER D 73 -12.44 5.11 -30.50
CA SER D 73 -13.36 6.22 -30.83
C SER D 73 -14.78 5.82 -30.41
N HIS D 74 -15.70 6.78 -30.29
CA HIS D 74 -17.13 6.54 -29.94
C HIS D 74 -17.73 5.55 -30.94
N ASP D 75 -17.39 5.67 -32.23
CA ASP D 75 -17.90 4.82 -33.34
C ASP D 75 -17.31 3.41 -33.22
N GLU D 76 -16.02 3.29 -32.90
CA GLU D 76 -15.36 1.97 -32.77
C GLU D 76 -15.97 1.26 -31.58
N HIS D 77 -16.25 2.00 -30.50
CA HIS D 77 -16.85 1.45 -29.27
C HIS D 77 -18.17 0.77 -29.65
N LYS D 78 -19.04 1.49 -30.38
CA LYS D 78 -20.37 1.00 -30.79
C LYS D 78 -20.21 -0.22 -31.70
N ARG D 79 -19.25 -0.15 -32.63
CA ARG D 79 -19.06 -1.17 -33.68
C ARG D 79 -18.61 -2.49 -33.04
N VAL D 80 -17.69 -2.44 -32.08
CA VAL D 80 -17.16 -3.72 -31.49
C VAL D 80 -18.32 -4.44 -30.79
N ILE D 81 -19.17 -3.72 -30.06
CA ILE D 81 -20.41 -4.28 -29.43
C ILE D 81 -21.30 -4.87 -30.51
N GLU D 82 -21.59 -4.12 -31.58
CA GLU D 82 -22.56 -4.57 -32.62
C GLU D 82 -22.05 -5.88 -33.23
N VAL D 83 -20.77 -5.91 -33.62
CA VAL D 83 -20.19 -7.10 -34.31
C VAL D 83 -20.23 -8.25 -33.30
N CYS D 84 -19.85 -7.99 -32.04
CA CYS D 84 -19.84 -9.05 -30.99
C CYS D 84 -21.24 -9.68 -30.90
N ILE D 85 -22.30 -8.85 -30.83
CA ILE D 85 -23.72 -9.33 -30.71
C ILE D 85 -24.08 -10.11 -31.98
N GLU D 86 -23.73 -9.58 -33.14
CA GLU D 86 -24.11 -10.19 -34.43
C GLU D 86 -23.50 -11.59 -34.57
N VAL D 87 -22.22 -11.76 -34.24
CA VAL D 87 -21.51 -13.06 -34.37
C VAL D 87 -22.03 -14.04 -33.32
N ALA D 88 -22.30 -13.56 -32.12
CA ALA D 88 -22.80 -14.38 -30.99
C ALA D 88 -24.11 -15.07 -31.44
N ALA D 89 -25.00 -14.30 -32.07
CA ALA D 89 -26.26 -14.80 -32.66
C ALA D 89 -27.06 -15.52 -31.59
N GLY D 90 -27.16 -14.97 -30.38
CA GLY D 90 -27.98 -15.53 -29.29
C GLY D 90 -27.37 -16.79 -28.68
N ARG D 91 -26.23 -17.28 -29.18
CA ARG D 91 -25.65 -18.57 -28.73
C ARG D 91 -25.13 -18.42 -27.31
N VAL D 92 -24.52 -17.27 -27.00
CA VAL D 92 -24.00 -17.00 -25.63
C VAL D 92 -24.35 -15.57 -25.29
N PRO D 93 -24.54 -15.26 -23.98
CA PRO D 93 -24.81 -13.89 -23.57
C PRO D 93 -23.63 -12.94 -23.87
N VAL D 94 -24.00 -11.72 -24.24
CA VAL D 94 -23.04 -10.60 -24.45
C VAL D 94 -23.25 -9.61 -23.31
N ILE D 95 -22.25 -9.43 -22.47
CA ILE D 95 -22.30 -8.45 -21.36
C ILE D 95 -21.41 -7.31 -21.81
N ALA D 96 -22.02 -6.26 -22.33
CA ALA D 96 -21.26 -5.14 -22.92
C ALA D 96 -20.58 -4.34 -21.81
N GLY D 97 -19.29 -4.06 -21.97
CA GLY D 97 -18.64 -2.99 -21.17
C GLY D 97 -19.35 -1.66 -21.43
N ALA D 98 -19.73 -0.96 -20.37
CA ALA D 98 -20.45 0.33 -20.41
C ALA D 98 -19.96 1.22 -19.27
N GLY D 99 -18.64 1.27 -19.06
CA GLY D 99 -18.03 1.97 -17.93
C GLY D 99 -17.70 3.42 -18.24
N SER D 100 -17.94 4.32 -17.29
CA SER D 100 -17.41 5.70 -17.31
C SER D 100 -17.26 6.21 -15.87
N ASN D 101 -16.40 7.19 -15.67
CA ASN D 101 -16.29 7.88 -14.37
C ASN D 101 -17.28 9.06 -14.33
N ASN D 102 -18.09 9.21 -15.40
CA ASN D 102 -19.19 10.20 -15.52
C ASN D 102 -20.54 9.45 -15.54
N THR D 103 -21.42 9.67 -14.57
CA THR D 103 -22.70 8.94 -14.42
C THR D 103 -23.56 9.12 -15.68
N VAL D 104 -23.70 10.37 -16.15
CA VAL D 104 -24.46 10.73 -17.39
C VAL D 104 -23.88 9.92 -18.55
N GLU D 105 -22.55 9.83 -18.66
CA GLU D 105 -21.92 9.12 -19.79
C GLU D 105 -22.21 7.61 -19.67
N ALA D 106 -22.16 7.04 -18.46
CA ALA D 106 -22.36 5.58 -18.24
C ALA D 106 -23.81 5.21 -18.56
N ILE D 107 -24.77 6.09 -18.22
CA ILE D 107 -26.19 5.97 -18.63
C ILE D 107 -26.25 5.82 -20.15
N GLU D 108 -25.70 6.78 -20.88
CA GLU D 108 -25.72 6.80 -22.36
C GLU D 108 -25.11 5.50 -22.89
N LEU D 109 -23.97 5.06 -22.35
CA LEU D 109 -23.28 3.83 -22.85
C LEU D 109 -24.17 2.60 -22.57
N ALA D 110 -24.80 2.53 -21.41
CA ALA D 110 -25.60 1.35 -20.99
C ALA D 110 -26.87 1.31 -21.85
N GLN D 111 -27.50 2.44 -22.11
CA GLN D 111 -28.73 2.49 -22.94
C GLN D 111 -28.37 2.10 -24.36
N HIS D 112 -27.24 2.56 -24.89
CA HIS D 112 -26.79 2.21 -26.26
C HIS D 112 -26.50 0.70 -26.33
N ALA D 113 -25.87 0.13 -25.30
CA ALA D 113 -25.60 -1.32 -25.21
C ALA D 113 -26.91 -2.13 -25.28
N GLU D 114 -27.93 -1.70 -24.53
CA GLU D 114 -29.28 -2.35 -24.45
C GLU D 114 -29.95 -2.25 -25.83
N LYS D 115 -30.01 -1.04 -26.41
CA LYS D 115 -30.59 -0.78 -27.75
C LYS D 115 -29.93 -1.71 -28.77
N ALA D 116 -28.62 -1.93 -28.68
CA ALA D 116 -27.84 -2.74 -29.66
C ALA D 116 -28.10 -4.23 -29.46
N GLY D 117 -28.70 -4.63 -28.34
CA GLY D 117 -29.15 -6.00 -28.09
C GLY D 117 -28.26 -6.76 -27.12
N ALA D 118 -27.51 -6.06 -26.26
CA ALA D 118 -26.71 -6.66 -25.19
C ALA D 118 -27.65 -7.36 -24.20
N ASP D 119 -27.17 -8.44 -23.57
CA ASP D 119 -27.94 -9.28 -22.61
C ASP D 119 -27.82 -8.67 -21.23
N ALA D 120 -26.74 -7.93 -21.01
CA ALA D 120 -26.42 -7.29 -19.71
C ALA D 120 -25.32 -6.26 -19.93
N VAL D 121 -25.07 -5.43 -18.93
CA VAL D 121 -23.94 -4.48 -19.01
C VAL D 121 -23.01 -4.68 -17.81
N LEU D 122 -21.72 -4.46 -18.04
CA LEU D 122 -20.66 -4.50 -17.02
C LEU D 122 -20.24 -3.03 -16.80
N VAL D 123 -20.42 -2.55 -15.58
CA VAL D 123 -20.27 -1.10 -15.29
C VAL D 123 -19.28 -0.96 -14.14
N VAL D 124 -18.10 -0.44 -14.46
CA VAL D 124 -16.97 -0.23 -13.56
C VAL D 124 -17.27 0.86 -12.53
N THR D 125 -16.69 0.75 -11.34
CA THR D 125 -16.62 1.86 -10.37
C THR D 125 -15.90 3.00 -11.07
N PRO D 126 -16.40 4.26 -10.96
CA PRO D 126 -15.68 5.40 -11.48
C PRO D 126 -14.19 5.41 -11.08
N TYR D 127 -13.32 5.54 -12.08
CA TYR D 127 -11.83 5.70 -11.96
C TYR D 127 -11.49 7.19 -11.96
N TYR D 128 -10.34 7.49 -11.41
CA TYR D 128 -9.65 8.81 -11.44
C TYR D 128 -10.29 9.80 -10.44
N ASN D 129 -11.61 10.00 -10.46
CA ASN D 129 -12.26 11.05 -9.65
C ASN D 129 -12.52 10.57 -8.22
N LYS D 130 -12.37 9.27 -7.91
CA LYS D 130 -12.37 8.69 -6.55
C LYS D 130 -13.57 9.15 -5.71
N PRO D 131 -14.81 8.78 -6.11
CA PRO D 131 -15.99 9.00 -5.27
C PRO D 131 -16.01 8.23 -3.95
N ASN D 132 -16.78 8.70 -2.97
CA ASN D 132 -17.07 7.99 -1.71
C ASN D 132 -18.23 7.00 -1.96
N GLN D 133 -18.70 6.32 -0.91
CA GLN D 133 -19.71 5.24 -1.00
C GLN D 133 -21.05 5.82 -1.43
N ARG D 134 -21.42 7.03 -0.96
CA ARG D 134 -22.69 7.69 -1.39
C ARG D 134 -22.62 7.90 -2.91
N GLY D 135 -21.49 8.37 -3.40
CA GLY D 135 -21.32 8.62 -4.84
C GLY D 135 -21.41 7.34 -5.64
N LEU D 136 -20.84 6.26 -5.13
CA LEU D 136 -20.96 4.94 -5.81
C LEU D 136 -22.43 4.53 -5.84
N TYR D 137 -23.13 4.66 -4.71
CA TYR D 137 -24.55 4.28 -4.63
C TYR D 137 -25.33 5.08 -5.68
N GLU D 138 -25.12 6.39 -5.73
CA GLU D 138 -25.82 7.28 -6.70
C GLU D 138 -25.47 6.87 -8.13
N HIS D 139 -24.19 6.69 -8.42
CA HIS D 139 -23.71 6.32 -9.78
C HIS D 139 -24.46 5.06 -10.23
N PHE D 140 -24.42 4.00 -9.45
CA PHE D 140 -24.96 2.67 -9.87
C PHE D 140 -26.50 2.66 -9.87
N SER D 141 -27.16 3.33 -8.93
CA SER D 141 -28.66 3.37 -8.88
C SER D 141 -29.16 4.15 -10.10
N ARG D 142 -28.59 5.32 -10.43
CA ARG D 142 -28.96 6.07 -11.64
C ARG D 142 -28.67 5.27 -12.92
N VAL D 143 -27.53 4.59 -13.03
CA VAL D 143 -27.23 3.85 -14.30
C VAL D 143 -28.24 2.71 -14.48
N VAL D 144 -28.47 1.89 -13.44
CA VAL D 144 -29.34 0.69 -13.55
C VAL D 144 -30.80 1.11 -13.78
N ARG D 145 -31.25 2.23 -13.21
CA ARG D 145 -32.65 2.73 -13.38
C ARG D 145 -32.84 3.32 -14.78
N SER D 146 -31.78 3.58 -15.53
CA SER D 146 -31.82 4.13 -16.92
C SER D 146 -32.10 3.02 -17.93
N ILE D 147 -32.09 1.76 -17.49
CA ILE D 147 -32.11 0.59 -18.41
C ILE D 147 -33.07 -0.47 -17.85
N SER D 148 -33.23 -1.51 -18.63
CA SER D 148 -34.18 -2.62 -18.45
C SER D 148 -33.44 -3.95 -18.43
N ILE D 149 -32.10 -3.97 -18.60
CA ILE D 149 -31.34 -5.24 -18.66
C ILE D 149 -30.50 -5.35 -17.39
N PRO D 150 -30.04 -6.57 -17.06
CA PRO D 150 -29.25 -6.74 -15.84
C PRO D 150 -27.93 -5.97 -15.92
N LEU D 151 -27.48 -5.53 -14.75
CA LEU D 151 -26.21 -4.78 -14.56
C LEU D 151 -25.32 -5.60 -13.62
N VAL D 152 -24.05 -5.73 -13.99
CA VAL D 152 -22.98 -6.32 -13.14
C VAL D 152 -22.05 -5.17 -12.74
N ILE D 153 -21.92 -4.96 -11.42
CA ILE D 153 -20.92 -4.06 -10.82
C ILE D 153 -19.53 -4.62 -11.06
N TYR D 154 -18.60 -3.76 -11.45
CA TYR D 154 -17.21 -4.16 -11.74
C TYR D 154 -16.35 -3.39 -10.73
N ASN D 155 -15.96 -4.06 -9.65
CA ASN D 155 -15.21 -3.51 -8.50
C ASN D 155 -13.74 -3.84 -8.72
N ILE D 156 -12.93 -2.83 -9.04
CA ILE D 156 -11.49 -3.03 -9.37
C ILE D 156 -10.68 -1.90 -8.76
N PRO D 157 -10.37 -2.00 -7.44
CA PRO D 157 -9.53 -1.00 -6.76
C PRO D 157 -8.17 -0.81 -7.46
N GLY D 158 -7.66 -1.86 -8.12
CA GLY D 158 -6.33 -1.82 -8.76
C GLY D 158 -6.32 -0.92 -9.99
N ARG D 159 -7.48 -0.43 -10.46
CA ARG D 159 -7.57 0.53 -11.61
C ARG D 159 -8.37 1.76 -11.23
N SER D 160 -9.38 1.67 -10.33
CA SER D 160 -10.26 2.82 -9.96
C SER D 160 -9.89 3.38 -8.58
N ILE D 161 -9.03 2.69 -7.83
CA ILE D 161 -8.41 3.07 -6.51
C ILE D 161 -9.43 2.93 -5.37
N ILE D 162 -10.63 3.46 -5.53
CA ILE D 162 -11.71 3.32 -4.53
C ILE D 162 -12.29 1.89 -4.65
N ASP D 163 -13.10 1.52 -3.66
CA ASP D 163 -13.53 0.13 -3.44
C ASP D 163 -14.98 0.15 -2.92
N MET D 164 -15.90 -0.41 -3.70
CA MET D 164 -17.30 -0.59 -3.25
C MET D 164 -17.30 -1.63 -2.13
N THR D 165 -17.71 -1.23 -0.93
CA THR D 165 -17.77 -2.13 0.24
C THR D 165 -18.90 -3.12 0.04
N PRO D 166 -18.84 -4.29 0.69
CA PRO D 166 -19.97 -5.21 0.67
C PRO D 166 -21.28 -4.51 1.10
N GLU D 167 -21.18 -3.57 2.05
CA GLU D 167 -22.34 -2.83 2.62
C GLU D 167 -22.97 -1.99 1.51
N THR D 168 -22.17 -1.24 0.76
CA THR D 168 -22.69 -0.40 -0.34
C THR D 168 -23.32 -1.31 -1.42
N MET D 169 -22.63 -2.41 -1.72
CA MET D 169 -23.11 -3.38 -2.74
C MET D 169 -24.46 -3.96 -2.30
N GLY D 170 -24.60 -4.29 -1.01
CA GLY D 170 -25.86 -4.77 -0.39
C GLY D 170 -27.00 -3.79 -0.52
N ALA D 171 -26.75 -2.52 -0.22
CA ALA D 171 -27.73 -1.42 -0.37
C ALA D 171 -28.24 -1.37 -1.82
N LEU D 172 -27.36 -1.53 -2.80
CA LEU D 172 -27.72 -1.46 -4.25
C LEU D 172 -28.53 -2.68 -4.66
N VAL D 173 -28.19 -3.87 -4.19
CA VAL D 173 -28.96 -5.13 -4.50
C VAL D 173 -30.36 -4.98 -3.87
N ARG D 174 -30.41 -4.55 -2.60
CA ARG D 174 -31.66 -4.35 -1.83
C ARG D 174 -32.58 -3.43 -2.64
N ASP D 175 -32.04 -2.32 -3.16
CA ASP D 175 -32.84 -1.19 -3.72
C ASP D 175 -33.05 -1.33 -5.22
N CYS D 176 -32.19 -2.03 -5.95
CA CYS D 176 -32.28 -2.08 -7.43
C CYS D 176 -32.38 -3.53 -7.93
N LYS D 177 -33.54 -3.88 -8.47
CA LYS D 177 -33.88 -5.21 -9.03
C LYS D 177 -32.80 -5.69 -10.02
N ASN D 178 -32.35 -4.82 -10.94
CA ASN D 178 -31.54 -5.30 -12.10
C ASN D 178 -30.04 -5.28 -11.76
N ILE D 179 -29.68 -5.06 -10.50
CA ILE D 179 -28.26 -5.26 -10.09
C ILE D 179 -28.11 -6.72 -9.67
N VAL D 180 -27.51 -7.53 -10.54
CA VAL D 180 -27.65 -9.01 -10.42
C VAL D 180 -26.32 -9.61 -10.00
N GLY D 181 -25.20 -8.90 -10.07
CA GLY D 181 -23.93 -9.52 -9.67
C GLY D 181 -22.78 -8.57 -9.73
N VAL D 182 -21.59 -9.13 -9.56
CA VAL D 182 -20.32 -8.36 -9.48
C VAL D 182 -19.25 -9.12 -10.25
N LYS D 183 -18.47 -8.36 -11.02
CA LYS D 183 -17.11 -8.75 -11.44
C LYS D 183 -16.18 -8.26 -10.34
N ASP D 184 -15.72 -9.18 -9.50
CA ASP D 184 -14.97 -8.85 -8.26
C ASP D 184 -13.48 -8.99 -8.54
N ALA D 185 -12.82 -7.86 -8.80
CA ALA D 185 -11.38 -7.79 -9.13
C ALA D 185 -10.61 -7.26 -7.92
N THR D 186 -11.12 -7.43 -6.69
CA THR D 186 -10.42 -6.98 -5.45
C THR D 186 -9.24 -7.91 -5.17
N GLY D 187 -9.33 -9.19 -5.56
CA GLY D 187 -8.32 -10.18 -5.20
C GLY D 187 -8.31 -10.44 -3.70
N LYS D 188 -9.38 -10.09 -3.02
CA LYS D 188 -9.55 -10.34 -1.58
C LYS D 188 -10.73 -11.30 -1.47
N ILE D 189 -10.43 -12.59 -1.34
CA ILE D 189 -11.39 -13.70 -1.58
C ILE D 189 -12.44 -13.69 -0.46
N GLU D 190 -12.09 -13.19 0.73
CA GLU D 190 -13.05 -13.03 1.87
C GLU D 190 -14.23 -12.15 1.44
N ARG D 191 -14.04 -11.28 0.43
CA ARG D 191 -15.16 -10.46 -0.10
C ARG D 191 -16.25 -11.37 -0.66
N VAL D 192 -15.92 -12.48 -1.29
CA VAL D 192 -16.94 -13.38 -1.91
C VAL D 192 -17.87 -13.84 -0.78
N SER D 193 -17.32 -14.20 0.38
CA SER D 193 -18.08 -14.65 1.58
C SER D 193 -18.98 -13.51 2.11
N GLU D 194 -18.42 -12.29 2.17
CA GLU D 194 -19.10 -11.11 2.75
C GLU D 194 -20.22 -10.69 1.80
N GLN D 195 -19.96 -10.72 0.49
CA GLN D 195 -20.93 -10.35 -0.54
C GLN D 195 -22.07 -11.38 -0.56
N ARG D 196 -21.75 -12.67 -0.34
CA ARG D 196 -22.73 -13.76 -0.31
C ARG D 196 -23.66 -13.56 0.90
N ALA D 197 -23.10 -13.21 2.06
CA ALA D 197 -23.88 -13.00 3.30
C ALA D 197 -24.82 -11.79 3.12
N ILE D 198 -24.32 -10.70 2.52
CA ILE D 198 -25.03 -9.39 2.50
C ILE D 198 -25.91 -9.30 1.25
N CYS D 199 -25.43 -9.77 0.09
CA CYS D 199 -26.13 -9.64 -1.21
C CYS D 199 -26.96 -10.91 -1.45
N GLY D 200 -26.64 -12.01 -0.76
CA GLY D 200 -27.42 -13.26 -0.82
C GLY D 200 -26.77 -14.27 -1.76
N LYS D 201 -27.22 -15.52 -1.67
CA LYS D 201 -26.64 -16.66 -2.42
C LYS D 201 -26.95 -16.57 -3.91
N GLU D 202 -28.04 -15.90 -4.30
CA GLU D 202 -28.44 -15.74 -5.72
C GLU D 202 -27.61 -14.64 -6.39
N PHE D 203 -26.96 -13.75 -5.64
CA PHE D 203 -26.12 -12.67 -6.20
C PHE D 203 -24.98 -13.30 -7.00
N ILE D 204 -24.87 -12.94 -8.28
CA ILE D 204 -23.96 -13.60 -9.26
C ILE D 204 -22.55 -13.04 -9.10
N GLN D 205 -21.63 -13.85 -8.58
CA GLN D 205 -20.26 -13.37 -8.28
C GLN D 205 -19.35 -14.02 -9.30
N LEU D 206 -18.67 -13.19 -10.08
CA LEU D 206 -17.74 -13.61 -11.15
C LEU D 206 -16.35 -13.10 -10.78
N SER D 207 -15.37 -13.99 -10.78
CA SER D 207 -13.98 -13.58 -10.49
C SER D 207 -13.55 -12.54 -11.51
N GLY D 208 -12.94 -11.46 -11.04
CA GLY D 208 -12.28 -10.46 -11.88
C GLY D 208 -10.79 -10.74 -12.03
N GLU D 209 -10.27 -11.85 -11.47
CA GLU D 209 -8.84 -12.22 -11.59
C GLU D 209 -8.75 -13.70 -11.98
N ASP D 210 -7.97 -14.03 -13.00
CA ASP D 210 -7.79 -15.41 -13.51
C ASP D 210 -7.07 -16.28 -12.48
N ALA D 211 -6.02 -15.75 -11.82
CA ALA D 211 -5.10 -16.54 -10.98
C ALA D 211 -5.83 -17.05 -9.74
N THR D 212 -6.89 -16.39 -9.28
CA THR D 212 -7.63 -16.75 -8.04
C THR D 212 -9.08 -17.14 -8.35
N ALA D 213 -9.43 -17.41 -9.61
CA ALA D 213 -10.78 -17.88 -10.02
C ALA D 213 -11.20 -19.11 -9.20
N LEU D 214 -10.25 -20.01 -8.93
CA LEU D 214 -10.44 -21.31 -8.27
C LEU D 214 -10.95 -21.08 -6.85
N GLY D 215 -10.21 -20.34 -6.03
CA GLY D 215 -10.62 -20.03 -4.65
C GLY D 215 -11.87 -19.15 -4.63
N PHE D 216 -11.94 -18.19 -5.53
CA PHE D 216 -13.17 -17.37 -5.75
C PHE D 216 -14.42 -18.28 -5.85
N ASN D 217 -14.35 -19.34 -6.67
CA ASN D 217 -15.50 -20.27 -6.87
C ASN D 217 -15.74 -21.08 -5.57
N ALA D 218 -14.70 -21.49 -4.86
CA ALA D 218 -14.84 -22.22 -3.58
C ALA D 218 -15.63 -21.36 -2.58
N HIS D 219 -15.48 -20.03 -2.59
CA HIS D 219 -16.18 -19.14 -1.64
C HIS D 219 -17.62 -18.84 -2.12
N GLY D 220 -18.02 -19.31 -3.32
CA GLY D 220 -19.39 -19.14 -3.83
C GLY D 220 -19.48 -18.44 -5.18
N GLY D 221 -18.36 -18.21 -5.87
CA GLY D 221 -18.37 -17.70 -7.26
C GLY D 221 -18.97 -18.73 -8.18
N VAL D 222 -19.54 -18.26 -9.30
CA VAL D 222 -20.16 -19.15 -10.32
C VAL D 222 -19.50 -18.88 -11.68
N GLY D 223 -18.32 -18.30 -11.71
CA GLY D 223 -17.60 -18.07 -12.97
C GLY D 223 -16.54 -16.96 -12.88
N CYS D 224 -15.99 -16.56 -14.01
CA CYS D 224 -14.85 -15.63 -14.15
C CYS D 224 -15.02 -14.87 -15.47
N ILE D 225 -14.96 -13.56 -15.40
CA ILE D 225 -14.74 -12.70 -16.59
C ILE D 225 -13.23 -12.59 -16.76
N SER D 226 -12.75 -13.34 -17.75
CA SER D 226 -11.38 -13.91 -17.84
C SER D 226 -10.57 -13.20 -18.93
N VAL D 227 -9.28 -13.00 -18.68
CA VAL D 227 -8.29 -12.59 -19.72
C VAL D 227 -7.73 -13.86 -20.35
N THR D 228 -7.31 -14.82 -19.53
CA THR D 228 -6.65 -16.06 -20.00
C THR D 228 -7.53 -16.76 -21.05
N SER D 229 -8.87 -16.67 -20.93
CA SER D 229 -9.79 -17.43 -21.81
C SER D 229 -9.75 -16.85 -23.22
N ASN D 230 -9.16 -15.67 -23.39
CA ASN D 230 -8.84 -15.15 -24.74
C ASN D 230 -7.90 -16.15 -25.44
N ILE D 231 -7.01 -16.81 -24.69
CA ILE D 231 -5.87 -17.60 -25.24
C ILE D 231 -6.20 -19.08 -25.15
N ALA D 232 -6.80 -19.53 -24.04
CA ALA D 232 -7.15 -20.94 -23.80
C ALA D 232 -8.62 -21.07 -23.50
N PRO D 233 -9.53 -20.69 -24.42
CA PRO D 233 -10.96 -20.69 -24.11
C PRO D 233 -11.43 -22.08 -23.68
N ARG D 234 -10.94 -23.14 -24.33
CA ARG D 234 -11.42 -24.52 -24.07
C ARG D 234 -11.02 -24.94 -22.66
N LEU D 235 -9.75 -24.83 -22.30
CA LEU D 235 -9.26 -25.27 -20.95
C LEU D 235 -9.92 -24.40 -19.87
N CYS D 236 -10.11 -23.13 -20.13
CA CYS D 236 -10.77 -22.18 -19.18
C CYS D 236 -12.24 -22.58 -19.02
N ALA D 237 -12.91 -22.95 -20.13
CA ALA D 237 -14.33 -23.41 -20.08
C ALA D 237 -14.43 -24.69 -19.25
N GLU D 238 -13.51 -25.64 -19.44
CA GLU D 238 -13.46 -26.93 -18.68
C GLU D 238 -13.20 -26.70 -17.18
N PHE D 239 -12.25 -25.82 -16.89
CA PHE D 239 -11.87 -25.39 -15.51
C PHE D 239 -13.14 -24.88 -14.81
N GLN D 240 -13.86 -23.97 -15.46
CA GLN D 240 -15.08 -23.34 -14.88
C GLN D 240 -16.16 -24.41 -14.73
N GLU D 241 -16.36 -25.27 -15.75
CA GLU D 241 -17.35 -26.38 -15.72
C GLU D 241 -17.05 -27.28 -14.50
N ALA D 242 -15.79 -27.69 -14.34
CA ALA D 242 -15.30 -28.47 -13.17
C ALA D 242 -15.70 -27.79 -11.85
N CYS D 243 -15.44 -26.49 -11.68
CA CYS D 243 -15.79 -25.73 -10.45
C CYS D 243 -17.31 -25.74 -10.25
N GLN D 244 -18.09 -25.50 -11.31
CA GLN D 244 -19.58 -25.40 -11.18
C GLN D 244 -20.15 -26.79 -10.89
N ALA D 245 -19.49 -27.87 -11.33
CA ALA D 245 -19.93 -29.25 -11.05
C ALA D 245 -19.50 -29.68 -9.65
N GLY D 246 -18.60 -28.95 -9.00
CA GLY D 246 -18.08 -29.27 -7.66
C GLY D 246 -16.87 -30.18 -7.75
N ASN D 247 -16.29 -30.36 -8.94
CA ASN D 247 -15.10 -31.23 -9.13
C ASN D 247 -13.86 -30.34 -8.95
N PHE D 248 -13.54 -30.03 -7.70
CA PHE D 248 -12.41 -29.15 -7.32
C PHE D 248 -11.08 -29.86 -7.59
N ALA D 249 -11.00 -31.19 -7.44
CA ALA D 249 -9.79 -32.00 -7.78
C ALA D 249 -9.41 -31.80 -9.27
N LYS D 250 -10.38 -31.88 -10.17
CA LYS D 250 -10.17 -31.63 -11.62
C LYS D 250 -9.82 -30.16 -11.85
N ALA D 251 -10.56 -29.22 -11.23
CA ALA D 251 -10.27 -27.79 -11.34
C ALA D 251 -8.80 -27.51 -10.96
N LEU D 252 -8.31 -28.11 -9.88
CA LEU D 252 -6.92 -27.92 -9.39
C LEU D 252 -5.90 -28.47 -10.42
N GLU D 253 -6.17 -29.64 -11.01
CA GLU D 253 -5.35 -30.23 -12.12
C GLU D 253 -5.25 -29.21 -13.27
N LEU D 254 -6.35 -28.55 -13.60
CA LEU D 254 -6.45 -27.57 -14.71
C LEU D 254 -5.73 -26.27 -14.29
N GLN D 255 -5.87 -25.83 -13.04
CA GLN D 255 -5.05 -24.74 -12.43
C GLN D 255 -3.55 -25.04 -12.62
N ASP D 256 -3.08 -26.28 -12.40
CA ASP D 256 -1.63 -26.60 -12.52
C ASP D 256 -1.16 -26.34 -13.96
N ARG D 257 -2.04 -26.60 -14.93
CA ARG D 257 -1.80 -26.43 -16.38
C ARG D 257 -1.86 -24.95 -16.76
N LEU D 258 -2.74 -24.15 -16.16
CA LEU D 258 -3.03 -22.78 -16.65
C LEU D 258 -2.23 -21.71 -15.88
N MET D 259 -1.76 -22.02 -14.68
CA MET D 259 -1.24 -20.97 -13.75
C MET D 259 -0.01 -20.29 -14.38
N PRO D 260 0.93 -21.01 -15.02
CA PRO D 260 2.04 -20.33 -15.71
C PRO D 260 1.55 -19.28 -16.71
N LEU D 261 0.46 -19.57 -17.42
CA LEU D 261 -0.12 -18.62 -18.41
C LEU D 261 -0.87 -17.51 -17.67
N HIS D 262 -1.62 -17.82 -16.60
CA HIS D 262 -2.23 -16.77 -15.74
C HIS D 262 -1.15 -15.77 -15.33
N LYS D 263 0.04 -16.24 -14.99
CA LYS D 263 1.12 -15.35 -14.50
C LYS D 263 1.76 -14.63 -15.69
N ALA D 264 2.28 -15.37 -16.69
CA ALA D 264 3.04 -14.77 -17.80
C ALA D 264 2.20 -13.71 -18.52
N LEU D 265 0.87 -13.86 -18.58
CA LEU D 265 0.02 -12.90 -19.33
C LEU D 265 0.00 -11.54 -18.66
N PHE D 266 0.40 -11.46 -17.39
CA PHE D 266 0.34 -10.19 -16.61
C PHE D 266 1.73 -9.70 -16.19
N LEU D 267 2.82 -10.24 -16.72
CA LEU D 267 4.18 -9.67 -16.46
C LEU D 267 4.22 -8.20 -16.93
N GLU D 268 3.52 -7.90 -18.01
CA GLU D 268 3.44 -6.56 -18.61
C GLU D 268 1.99 -6.16 -18.59
N PRO D 269 1.68 -4.85 -18.73
CA PRO D 269 0.31 -4.36 -18.59
C PRO D 269 -0.66 -4.95 -19.63
N ASN D 270 -1.77 -5.47 -19.11
CA ASN D 270 -2.93 -6.00 -19.86
C ASN D 270 -3.39 -4.88 -20.80
N PRO D 271 -3.69 -5.13 -22.09
CA PRO D 271 -3.66 -6.44 -22.74
C PRO D 271 -2.47 -6.71 -23.66
N SER D 272 -1.28 -6.23 -23.29
CA SER D 272 -0.04 -6.40 -24.09
C SER D 272 0.26 -7.88 -24.21
N GLY D 273 0.21 -8.58 -23.07
CA GLY D 273 0.51 -10.01 -22.96
C GLY D 273 -0.47 -10.82 -23.78
N PRO D 274 -1.78 -10.70 -23.49
CA PRO D 274 -2.82 -11.36 -24.29
C PRO D 274 -2.71 -11.13 -25.80
N LYS D 275 -2.51 -9.89 -26.23
CA LYS D 275 -2.40 -9.60 -27.69
C LYS D 275 -1.19 -10.30 -28.29
N TYR D 276 -0.06 -10.35 -27.60
CA TYR D 276 1.10 -11.09 -28.11
C TYR D 276 0.67 -12.55 -28.23
N ALA D 277 0.07 -13.10 -27.18
CA ALA D 277 -0.27 -14.55 -27.11
C ALA D 277 -1.21 -14.91 -28.28
N LEU D 278 -2.20 -14.09 -28.55
CA LEU D 278 -3.21 -14.38 -29.60
C LEU D 278 -2.58 -14.20 -30.98
N SER D 279 -1.57 -13.33 -31.11
CA SER D 279 -0.81 -13.15 -32.38
C SER D 279 0.05 -14.40 -32.60
N ARG D 280 0.55 -15.00 -31.53
CA ARG D 280 1.41 -16.20 -31.62
C ARG D 280 0.56 -17.39 -32.05
N LEU D 281 -0.77 -17.37 -31.84
CA LEU D 281 -1.72 -18.43 -32.31
C LEU D 281 -2.14 -18.14 -33.75
N GLY D 282 -1.69 -17.03 -34.30
CA GLY D 282 -1.94 -16.60 -35.70
C GLY D 282 -3.30 -15.95 -35.87
N ARG D 283 -3.95 -15.49 -34.79
CA ARG D 283 -5.38 -15.11 -34.82
C ARG D 283 -5.58 -13.58 -34.85
N ILE D 284 -4.58 -12.80 -34.43
CA ILE D 284 -4.60 -11.32 -34.55
C ILE D 284 -3.19 -10.80 -34.85
N GLU D 285 -3.10 -9.51 -35.19
CA GLU D 285 -1.84 -8.75 -35.26
C GLU D 285 -1.44 -8.27 -33.86
N ASN D 286 -0.14 -8.25 -33.59
CA ASN D 286 0.41 -7.85 -32.28
C ASN D 286 0.50 -6.32 -32.30
N VAL D 287 -0.62 -5.63 -32.09
CA VAL D 287 -0.73 -4.16 -32.24
C VAL D 287 -1.63 -3.63 -31.11
N LEU D 288 -1.19 -2.57 -30.44
CA LEU D 288 -1.92 -1.87 -29.36
C LEU D 288 -1.89 -0.37 -29.63
N ARG D 289 -2.78 0.38 -28.97
CA ARG D 289 -2.81 1.86 -29.09
C ARG D 289 -2.17 2.51 -27.85
N SER D 290 -1.25 3.45 -28.06
CA SER D 290 -0.67 4.34 -27.03
C SER D 290 -1.74 4.80 -26.04
N PRO D 291 -1.54 4.72 -24.72
CA PRO D 291 -0.24 4.40 -24.12
C PRO D 291 0.11 2.93 -23.88
N MET D 292 -0.72 1.98 -24.36
CA MET D 292 -0.40 0.54 -24.32
C MET D 292 0.59 0.20 -25.45
N VAL D 293 1.52 -0.73 -25.20
CA VAL D 293 2.66 -1.04 -26.11
C VAL D 293 2.87 -2.55 -26.15
N THR D 294 3.49 -3.04 -27.23
CA THR D 294 3.80 -4.48 -27.40
C THR D 294 4.80 -4.89 -26.32
N ILE D 295 4.79 -6.16 -25.95
CA ILE D 295 5.68 -6.68 -24.89
C ILE D 295 7.10 -6.78 -25.41
N GLU D 296 8.07 -6.80 -24.50
CA GLU D 296 9.51 -7.09 -24.79
C GLU D 296 9.66 -8.59 -25.08
N ALA D 297 10.75 -8.95 -25.75
CA ALA D 297 11.17 -10.34 -26.11
C ALA D 297 11.09 -11.26 -24.88
N ALA D 298 11.64 -10.85 -23.74
CA ALA D 298 11.79 -11.73 -22.54
C ALA D 298 10.41 -12.18 -22.05
N THR D 299 9.45 -11.25 -21.98
CA THR D 299 8.05 -11.55 -21.66
C THR D 299 7.48 -12.54 -22.68
N ALA D 300 7.73 -12.27 -23.96
CA ALA D 300 7.18 -13.06 -25.08
C ALA D 300 7.62 -14.52 -24.91
N GLU D 301 8.86 -14.74 -24.47
CA GLU D 301 9.47 -16.08 -24.29
C GLU D 301 8.80 -16.77 -23.09
N LYS D 302 8.50 -16.04 -22.02
CA LYS D 302 7.82 -16.62 -20.82
C LYS D 302 6.38 -17.00 -21.21
N ILE D 303 5.76 -16.26 -22.10
CA ILE D 303 4.36 -16.50 -22.57
C ILE D 303 4.38 -17.74 -23.48
N ASP D 304 5.35 -17.84 -24.41
CA ASP D 304 5.53 -19.04 -25.25
C ASP D 304 5.68 -20.28 -24.36
N HIS D 305 6.55 -20.22 -23.35
CA HIS D 305 6.83 -21.38 -22.44
C HIS D 305 5.53 -21.74 -21.72
N ALA D 306 4.77 -20.75 -21.25
CA ALA D 306 3.54 -20.98 -20.49
C ALA D 306 2.49 -21.62 -21.43
N MET D 307 2.53 -21.29 -22.73
CA MET D 307 1.56 -21.77 -23.74
C MET D 307 1.90 -23.22 -24.06
N LYS D 308 3.20 -23.59 -24.03
CA LYS D 308 3.65 -24.99 -24.25
C LYS D 308 3.19 -25.85 -23.06
N HIS D 309 3.48 -25.39 -21.84
CA HIS D 309 3.04 -26.02 -20.56
C HIS D 309 1.54 -26.34 -20.62
N ALA D 310 0.75 -25.42 -21.15
CA ALA D 310 -0.73 -25.53 -21.23
C ALA D 310 -1.15 -26.35 -22.45
N GLY D 311 -0.21 -26.70 -23.33
CA GLY D 311 -0.44 -27.57 -24.52
C GLY D 311 -1.08 -26.84 -25.68
N LEU D 312 -0.94 -25.53 -25.77
CA LEU D 312 -1.59 -24.70 -26.83
C LEU D 312 -0.68 -24.61 -28.06
N ILE D 313 0.61 -24.84 -27.91
CA ILE D 313 1.59 -24.91 -29.04
C ILE D 313 2.59 -26.03 -28.75
N ASN D 314 3.18 -26.61 -29.80
CA ASN D 314 4.16 -27.73 -29.67
C ASN D 314 5.57 -27.12 -29.61
#